data_3ZWL
#
_entry.id   3ZWL
#
_cell.length_a   126.469
_cell.length_b   126.469
_cell.length_c   105.741
_cell.angle_alpha   90.00
_cell.angle_beta   90.00
_cell.angle_gamma   120.00
#
_symmetry.space_group_name_H-M   'P 31 2 1'
#
loop_
_entity.id
_entity.type
_entity.pdbx_description
1 polymer 'EUKARYOTIC TRANSLATION INITIATION FACTOR 3 SUBUNIT I'
2 polymer 'EUKARYOTIC TRANSLATION INITIATION FACTOR 3 SUBUNIT B'
3 water water
#
loop_
_entity_poly.entity_id
_entity_poly.type
_entity_poly.pdbx_seq_one_letter_code
_entity_poly.pdbx_strand_id
1 'polypeptide(L)'
;MGSSHHHHHHSSGENLYFQGSHMKAIKLTGHERPLTQVKYNKEGDLLFSCSKDSSASVWYSLNGERLGTLDGHTGTIWSI
DVDCFTKYCVTGSADYSIKLWDVSNGQCVATWKSPVPVKRVEFSPCGNYFLAILDNVMKNPGSINIYEIERDSATHELTK
VSEEPIHKIITHEGLDAATVAGWSTKGKYIIAGHKDGKISKYDVSNNYEYVDSIDLHEKSISDMQFSPDLTYFITSSRDT
NSFLVDVSTLQVLKKYETDCPLNTAVITPLKEFIILGGGQEAKDVTTTSANEGKFEARFYHKIFEEEIGRVQGHFGPLNT
VAISPQGTSYASGGEDGFIRLHHFEKSYFDFKYDVEKAAEAKEHMQEAN
;
B,D
2 'polypeptide(L)' GSHMEADTAMRDLILHQRELLKQWTEYREKIGQEMEKSMNFKIFDVQPED E,F
#
# COMPACT_ATOMS: atom_id res chain seq x y z
N GLY A 13 -38.32 -16.04 -17.88
CA GLY A 13 -38.91 -16.67 -16.65
C GLY A 13 -37.83 -16.94 -15.60
N GLU A 14 -38.23 -17.19 -14.36
CA GLU A 14 -37.26 -17.34 -13.27
C GLU A 14 -36.79 -18.78 -13.08
N ASN A 15 -35.50 -18.94 -12.78
CA ASN A 15 -34.87 -20.27 -12.66
C ASN A 15 -35.18 -20.88 -11.34
N LEU A 16 -35.65 -22.11 -11.32
CA LEU A 16 -36.01 -22.70 -10.01
C LEU A 16 -35.28 -24.04 -9.83
N TYR A 17 -34.93 -24.37 -8.59
CA TYR A 17 -34.14 -25.56 -8.34
C TYR A 17 -34.82 -26.47 -7.35
N PHE A 18 -34.63 -27.77 -7.50
CA PHE A 18 -35.21 -28.73 -6.54
C PHE A 18 -34.72 -28.52 -5.10
N GLN A 19 -33.45 -28.11 -4.91
CA GLN A 19 -32.88 -27.98 -3.55
C GLN A 19 -32.19 -26.63 -3.32
N GLY A 20 -31.59 -26.44 -2.16
CA GLY A 20 -30.96 -25.18 -1.82
C GLY A 20 -29.62 -25.06 -2.55
N SER A 21 -29.10 -23.85 -2.61
CA SER A 21 -27.85 -23.59 -3.30
C SER A 21 -26.69 -24.39 -2.73
N HIS A 22 -25.65 -24.52 -3.52
CA HIS A 22 -24.43 -25.14 -3.03
C HIS A 22 -23.57 -24.16 -2.24
N MET A 23 -23.70 -22.88 -2.52
CA MET A 23 -22.88 -21.91 -1.86
C MET A 23 -23.43 -20.50 -2.08
N LYS A 24 -22.92 -19.56 -1.31
CA LYS A 24 -23.24 -18.14 -1.44
C LYS A 24 -21.93 -17.45 -1.63
N ALA A 25 -21.88 -16.55 -2.57
CA ALA A 25 -20.66 -15.88 -2.87
C ALA A 25 -20.79 -14.44 -2.53
N ILE A 26 -19.71 -13.85 -2.05
CA ILE A 26 -19.59 -12.40 -2.11
C ILE A 26 -18.31 -11.98 -2.91
N LYS A 27 -18.36 -10.77 -3.45
CA LYS A 27 -17.31 -10.17 -4.27
C LYS A 27 -16.53 -9.15 -3.41
N LEU A 28 -15.21 -9.38 -3.28
CA LEU A 28 -14.29 -8.44 -2.65
C LEU A 28 -13.63 -7.52 -3.67
N THR A 29 -13.81 -6.21 -3.53
CA THR A 29 -13.08 -5.27 -4.42
C THR A 29 -11.99 -4.57 -3.62
N GLY A 30 -10.81 -4.53 -4.20
CA GLY A 30 -9.67 -3.94 -3.55
C GLY A 30 -8.65 -3.70 -4.62
N HIS A 31 -8.30 -4.78 -5.30
CA HIS A 31 -7.21 -4.74 -6.29
C HIS A 31 -7.66 -4.05 -7.61
N GLU A 32 -6.88 -3.13 -8.12
CA GLU A 32 -7.34 -2.59 -9.39
C GLU A 32 -6.77 -3.39 -10.58
N ARG A 33 -6.27 -4.61 -10.30
CA ARG A 33 -5.43 -5.30 -11.23
C ARG A 33 -5.59 -6.76 -11.06
N PRO A 34 -5.17 -7.52 -12.07
CA PRO A 34 -5.42 -8.95 -12.09
C PRO A 34 -4.82 -9.65 -10.85
N LEU A 35 -5.59 -10.57 -10.24
CA LEU A 35 -5.10 -11.24 -9.03
C LEU A 35 -3.97 -12.18 -9.41
N THR A 36 -2.97 -12.31 -8.54
CA THR A 36 -1.95 -13.35 -8.78
C THR A 36 -2.04 -14.48 -7.76
N GLN A 37 -2.48 -14.22 -6.53
CA GLN A 37 -2.57 -15.30 -5.57
C GLN A 37 -3.52 -14.98 -4.40
N VAL A 38 -4.35 -15.94 -4.01
CA VAL A 38 -5.08 -15.92 -2.74
C VAL A 38 -4.69 -17.12 -1.85
N LYS A 39 -4.77 -16.91 -0.54
CA LYS A 39 -4.28 -17.89 0.47
C LYS A 39 -5.00 -17.69 1.80
N TYR A 40 -5.55 -18.75 2.39
CA TYR A 40 -6.13 -18.68 3.73
C TYR A 40 -5.06 -18.92 4.74
N ASN A 41 -5.21 -18.33 5.92
CA ASN A 41 -4.37 -18.82 7.04
C ASN A 41 -4.89 -20.12 7.64
N LYS A 42 -4.13 -20.68 8.60
CA LYS A 42 -4.43 -21.95 9.26
C LYS A 42 -5.81 -22.08 9.92
N GLU A 43 -6.26 -21.08 10.64
CA GLU A 43 -7.57 -21.21 11.25
C GLU A 43 -8.62 -20.85 10.22
N GLY A 44 -8.19 -20.38 9.06
CA GLY A 44 -9.18 -20.16 7.98
C GLY A 44 -9.99 -18.93 8.23
N ASP A 45 -9.60 -18.14 9.22
CA ASP A 45 -10.33 -16.89 9.44
C ASP A 45 -9.79 -15.70 8.70
N LEU A 46 -8.60 -15.81 8.13
CA LEU A 46 -8.13 -14.75 7.31
C LEU A 46 -7.79 -15.17 5.87
N LEU A 47 -8.02 -14.23 4.93
CA LEU A 47 -7.60 -14.42 3.53
C LEU A 47 -6.60 -13.36 3.14
N PHE A 48 -5.51 -13.80 2.54
CA PHE A 48 -4.44 -12.95 2.07
C PHE A 48 -4.48 -12.96 0.54
N SER A 49 -4.27 -11.81 -0.07
CA SER A 49 -4.24 -11.72 -1.53
C SER A 49 -3.24 -10.75 -2.07
N CYS A 50 -2.78 -11.09 -3.27
CA CYS A 50 -1.85 -10.24 -4.00
C CYS A 50 -2.24 -10.20 -5.48
N SER A 51 -1.78 -9.17 -6.18
CA SER A 51 -2.16 -8.94 -7.56
C SER A 51 -1.07 -8.21 -8.27
N LYS A 52 -1.35 -7.81 -9.49
CA LYS A 52 -0.38 -6.96 -10.24
C LYS A 52 -0.14 -5.53 -9.65
N ASP A 53 -0.95 -5.11 -8.71
CA ASP A 53 -0.68 -3.90 -7.90
C ASP A 53 0.53 -4.16 -6.99
N SER A 54 1.11 -3.09 -6.47
CA SER A 54 2.32 -3.24 -5.64
C SER A 54 1.98 -3.45 -4.14
N SER A 55 0.71 -3.52 -3.81
CA SER A 55 0.29 -3.85 -2.44
C SER A 55 -0.58 -5.09 -2.28
N ALA A 56 -0.35 -5.86 -1.22
CA ALA A 56 -1.19 -6.97 -0.93
C ALA A 56 -2.28 -6.58 0.05
N SER A 57 -3.30 -7.45 0.17
CA SER A 57 -4.46 -7.21 1.02
C SER A 57 -4.72 -8.41 1.96
N VAL A 58 -5.38 -8.11 3.10
CA VAL A 58 -5.71 -9.10 4.11
C VAL A 58 -7.19 -8.89 4.40
N TRP A 59 -7.94 -9.98 4.40
CA TRP A 59 -9.40 -9.92 4.52
C TRP A 59 -9.82 -10.85 5.60
N TYR A 60 -10.95 -10.54 6.19
CA TYR A 60 -11.68 -11.48 6.99
C TYR A 60 -12.48 -12.40 6.10
N SER A 61 -12.31 -13.71 6.25
CA SER A 61 -13.04 -14.65 5.40
C SER A 61 -14.52 -14.78 5.75
N LEU A 62 -14.88 -14.42 6.98
CA LEU A 62 -16.26 -14.51 7.41
C LEU A 62 -17.21 -13.54 6.66
N ASN A 63 -16.77 -12.31 6.41
CA ASN A 63 -17.68 -11.38 5.79
C ASN A 63 -17.00 -10.59 4.73
N GLY A 64 -15.79 -10.98 4.32
CA GLY A 64 -15.10 -10.25 3.24
C GLY A 64 -14.59 -8.84 3.48
N GLU A 65 -14.62 -8.38 4.73
CA GLU A 65 -14.19 -7.00 5.07
C GLU A 65 -12.67 -6.97 5.05
N ARG A 66 -12.11 -5.94 4.44
CA ARG A 66 -10.69 -5.74 4.36
C ARG A 66 -10.05 -5.24 5.69
N LEU A 67 -9.09 -5.99 6.23
CA LEU A 67 -8.51 -5.68 7.50
C LEU A 67 -7.38 -4.67 7.27
N GLY A 68 -6.55 -4.87 6.23
CA GLY A 68 -5.61 -3.86 5.80
C GLY A 68 -4.77 -4.25 4.59
N THR A 69 -3.77 -3.46 4.28
CA THR A 69 -2.93 -3.71 3.12
C THR A 69 -1.50 -3.75 3.52
N LEU A 70 -0.67 -4.43 2.74
CA LEU A 70 0.74 -4.52 2.95
C LEU A 70 1.45 -3.71 1.89
N ASP A 71 1.95 -2.53 2.27
CA ASP A 71 2.60 -1.57 1.35
C ASP A 71 4.10 -1.51 1.60
N GLY A 72 4.87 -1.43 0.51
CA GLY A 72 6.32 -1.38 0.54
C GLY A 72 6.90 -1.77 -0.81
N HIS A 73 6.28 -2.75 -1.51
CA HIS A 73 6.90 -3.24 -2.78
C HIS A 73 6.70 -2.18 -3.87
N THR A 74 7.42 -2.27 -4.98
CA THR A 74 7.42 -1.25 -6.04
C THR A 74 6.91 -1.81 -7.39
N GLY A 75 6.59 -3.09 -7.43
CA GLY A 75 6.01 -3.75 -8.58
C GLY A 75 5.06 -4.88 -8.11
N THR A 76 4.54 -5.62 -9.10
CA THR A 76 3.70 -6.78 -8.92
C THR A 76 4.20 -7.65 -7.81
N ILE A 77 3.26 -8.07 -6.99
CA ILE A 77 3.55 -9.13 -6.04
C ILE A 77 3.04 -10.44 -6.65
N TRP A 78 3.93 -11.40 -6.89
CA TRP A 78 3.60 -12.64 -7.62
C TRP A 78 2.99 -13.65 -6.66
N SER A 79 3.34 -13.54 -5.37
CA SER A 79 3.03 -14.60 -4.45
C SER A 79 3.01 -14.09 -2.98
N ILE A 80 2.21 -14.73 -2.13
CA ILE A 80 2.12 -14.38 -0.72
C ILE A 80 1.87 -15.68 0.05
N ASP A 81 2.55 -15.87 1.20
CA ASP A 81 2.24 -16.94 2.13
C ASP A 81 2.10 -16.37 3.56
N VAL A 82 1.50 -17.18 4.43
CA VAL A 82 1.31 -16.86 5.86
C VAL A 82 1.80 -18.03 6.71
N ASP A 83 2.59 -17.78 7.77
CA ASP A 83 3.13 -18.92 8.54
C ASP A 83 2.03 -19.57 9.36
N CYS A 84 2.29 -20.73 9.99
CA CYS A 84 1.30 -21.45 10.72
C CYS A 84 0.83 -20.74 11.99
N PHE A 85 1.54 -19.72 12.46
CA PHE A 85 1.09 -18.98 13.70
C PHE A 85 0.24 -17.81 13.37
N THR A 86 0.11 -17.50 12.07
CA THR A 86 -0.48 -16.24 11.61
C THR A 86 0.21 -15.08 12.26
N LYS A 87 1.50 -15.20 12.42
CA LYS A 87 2.28 -14.07 12.88
C LYS A 87 2.90 -13.26 11.73
N TYR A 88 3.61 -13.95 10.82
CA TYR A 88 4.14 -13.30 9.65
C TYR A 88 3.52 -13.76 8.32
N CYS A 89 3.45 -12.87 7.34
CA CYS A 89 3.32 -13.35 6.01
C CYS A 89 4.53 -12.93 5.19
N VAL A 90 4.78 -13.65 4.10
CA VAL A 90 5.94 -13.42 3.23
C VAL A 90 5.44 -13.11 1.79
N THR A 91 6.02 -12.13 1.10
CA THR A 91 5.65 -11.80 -0.29
C THR A 91 6.88 -11.83 -1.22
N GLY A 92 6.69 -12.16 -2.49
CA GLY A 92 7.80 -12.06 -3.43
C GLY A 92 7.28 -11.29 -4.63
N SER A 93 8.12 -10.46 -5.21
CA SER A 93 7.69 -9.35 -6.08
C SER A 93 8.51 -9.27 -7.35
N ALA A 94 7.89 -8.74 -8.41
CA ALA A 94 8.67 -8.33 -9.59
C ALA A 94 9.76 -7.26 -9.31
N ASP A 95 9.67 -6.53 -8.18
CA ASP A 95 10.69 -5.54 -7.87
C ASP A 95 11.97 -6.15 -7.37
N TYR A 96 12.09 -7.47 -7.47
CA TYR A 96 13.33 -8.15 -7.15
C TYR A 96 13.51 -8.22 -5.65
N SER A 97 12.43 -8.33 -4.92
CA SER A 97 12.62 -8.55 -3.49
C SER A 97 11.61 -9.48 -2.84
N ILE A 98 12.00 -9.86 -1.65
CA ILE A 98 11.15 -10.64 -0.76
C ILE A 98 10.98 -9.86 0.52
N LYS A 99 9.78 -9.84 1.06
CA LYS A 99 9.50 -9.09 2.27
C LYS A 99 8.68 -9.92 3.25
N LEU A 100 9.00 -9.76 4.52
CA LEU A 100 8.36 -10.39 5.63
C LEU A 100 7.58 -9.34 6.38
N TRP A 101 6.34 -9.64 6.77
CA TRP A 101 5.45 -8.65 7.34
C TRP A 101 4.78 -9.16 8.60
N ASP A 102 4.60 -8.28 9.57
CA ASP A 102 3.87 -8.59 10.76
C ASP A 102 2.40 -8.42 10.49
N VAL A 103 1.65 -9.49 10.72
CA VAL A 103 0.29 -9.50 10.29
C VAL A 103 -0.54 -8.63 11.19
N SER A 104 -0.18 -8.56 12.46
CA SER A 104 -1.03 -7.81 13.39
C SER A 104 -0.99 -6.32 13.09
N ASN A 105 0.05 -5.78 12.51
CA ASN A 105 0.01 -4.33 12.30
C ASN A 105 0.41 -3.89 10.87
N GLY A 106 0.82 -4.85 10.03
CA GLY A 106 1.13 -4.58 8.62
C GLY A 106 2.53 -4.08 8.31
N GLN A 107 3.41 -4.10 9.31
CA GLN A 107 4.72 -3.55 9.18
C GLN A 107 5.70 -4.49 8.52
N CYS A 108 6.47 -3.96 7.56
CA CYS A 108 7.56 -4.76 6.96
C CYS A 108 8.69 -4.88 8.01
N VAL A 109 9.06 -6.09 8.36
CA VAL A 109 10.09 -6.30 9.41
C VAL A 109 11.37 -6.97 8.88
N ALA A 110 11.39 -7.38 7.61
CA ALA A 110 12.63 -7.91 6.95
C ALA A 110 12.51 -7.86 5.40
N THR A 111 13.61 -7.60 4.71
CA THR A 111 13.60 -7.60 3.27
C THR A 111 14.82 -8.38 2.83
N TRP A 112 14.66 -9.16 1.77
CA TRP A 112 15.78 -9.81 1.08
C TRP A 112 15.73 -9.39 -0.40
N LYS A 113 16.90 -9.26 -1.00
CA LYS A 113 17.09 -8.82 -2.38
C LYS A 113 17.41 -10.00 -3.29
N SER A 114 16.92 -9.93 -4.51
CA SER A 114 17.17 -11.01 -5.47
C SER A 114 17.68 -10.37 -6.79
N PRO A 115 18.53 -11.08 -7.54
CA PRO A 115 18.91 -10.44 -8.80
C PRO A 115 17.82 -10.58 -9.85
N VAL A 116 16.81 -11.42 -9.61
CA VAL A 116 15.73 -11.67 -10.58
C VAL A 116 14.30 -11.58 -9.98
N PRO A 117 13.27 -11.50 -10.83
CA PRO A 117 11.90 -11.55 -10.16
C PRO A 117 11.67 -12.83 -9.33
N VAL A 118 10.87 -12.70 -8.26
CA VAL A 118 10.56 -13.81 -7.36
C VAL A 118 9.12 -14.17 -7.60
N LYS A 119 8.85 -15.42 -7.99
CA LYS A 119 7.56 -15.81 -8.57
C LYS A 119 6.69 -16.64 -7.60
N ARG A 120 7.20 -16.95 -6.40
CA ARG A 120 6.51 -17.91 -5.52
C ARG A 120 7.31 -17.97 -4.22
N VAL A 121 6.61 -17.81 -3.08
CA VAL A 121 7.16 -18.03 -1.74
C VAL A 121 6.24 -18.95 -0.94
N GLU A 122 6.82 -19.72 -0.02
CA GLU A 122 6.00 -20.59 0.77
C GLU A 122 6.71 -20.99 2.07
N PHE A 123 6.05 -20.81 3.23
CA PHE A 123 6.65 -21.27 4.54
C PHE A 123 6.69 -22.77 4.65
N SER A 124 7.72 -23.31 5.32
CA SER A 124 7.74 -24.74 5.75
C SER A 124 6.63 -24.92 6.76
N PRO A 125 6.16 -26.17 6.97
CA PRO A 125 5.06 -26.46 7.90
C PRO A 125 5.31 -26.00 9.35
N CYS A 126 6.56 -25.98 9.79
CA CYS A 126 6.82 -25.57 11.16
C CYS A 126 7.15 -24.06 11.34
N GLY A 127 7.19 -23.29 10.23
CA GLY A 127 7.38 -21.79 10.30
C GLY A 127 8.80 -21.28 10.30
N ASN A 128 9.76 -22.16 10.38
CA ASN A 128 11.14 -21.70 10.52
C ASN A 128 11.88 -21.39 9.22
N TYR A 129 11.35 -21.88 8.09
CA TYR A 129 12.00 -21.68 6.81
C TYR A 129 11.00 -21.18 5.84
N PHE A 130 11.42 -20.53 4.77
CA PHE A 130 10.55 -20.47 3.60
C PHE A 130 11.33 -20.65 2.35
N LEU A 131 10.64 -21.03 1.29
CA LEU A 131 11.34 -21.14 0.02
C LEU A 131 10.89 -19.96 -0.89
N ALA A 132 11.68 -19.68 -1.91
CA ALA A 132 11.37 -18.62 -2.87
C ALA A 132 11.81 -19.13 -4.24
N ILE A 133 11.01 -18.90 -5.27
CA ILE A 133 11.40 -19.29 -6.60
C ILE A 133 11.93 -18.08 -7.30
N LEU A 134 13.19 -18.19 -7.70
CA LEU A 134 13.83 -17.16 -8.49
C LEU A 134 13.72 -17.47 -9.99
N ASP A 135 13.14 -16.58 -10.77
CA ASP A 135 12.94 -16.88 -12.23
C ASP A 135 14.25 -17.00 -13.00
N ASN A 136 14.27 -17.76 -14.10
CA ASN A 136 15.45 -17.69 -14.98
C ASN A 136 15.32 -16.45 -15.78
N VAL A 137 16.36 -15.67 -15.91
CA VAL A 137 16.33 -14.51 -16.75
C VAL A 137 17.72 -14.45 -17.38
N MET A 138 17.79 -14.37 -18.71
CA MET A 138 19.04 -14.26 -19.40
C MET A 138 19.97 -15.40 -18.96
N LYS A 139 21.18 -15.11 -18.52
CA LYS A 139 22.08 -16.18 -18.13
C LYS A 139 21.74 -16.76 -16.76
N ASN A 140 20.91 -16.12 -15.96
CA ASN A 140 20.54 -16.72 -14.66
C ASN A 140 19.67 -17.97 -14.89
N PRO A 141 20.09 -19.11 -14.38
CA PRO A 141 19.32 -20.33 -14.71
C PRO A 141 18.10 -20.56 -13.80
N GLY A 142 17.88 -19.71 -12.81
CA GLY A 142 16.74 -19.86 -11.92
C GLY A 142 17.18 -20.73 -10.74
N SER A 143 16.52 -20.54 -9.61
CA SER A 143 16.74 -21.41 -8.47
C SER A 143 15.52 -21.44 -7.51
N ILE A 144 15.55 -22.37 -6.56
CA ILE A 144 14.69 -22.31 -5.39
C ILE A 144 15.58 -21.95 -4.19
N ASN A 145 15.38 -20.80 -3.57
CA ASN A 145 16.22 -20.40 -2.45
C ASN A 145 15.48 -20.74 -1.15
N ILE A 146 16.22 -21.20 -0.14
CA ILE A 146 15.66 -21.48 1.17
C ILE A 146 16.28 -20.53 2.15
N TYR A 147 15.43 -19.81 2.86
CA TYR A 147 15.79 -18.83 3.86
C TYR A 147 15.37 -19.33 5.26
N GLU A 148 16.20 -19.06 6.27
CA GLU A 148 15.86 -19.42 7.67
C GLU A 148 15.47 -18.19 8.46
N ILE A 149 14.49 -18.40 9.31
CA ILE A 149 13.98 -17.42 10.24
C ILE A 149 14.19 -18.10 11.60
N GLU A 150 14.91 -17.47 12.52
CA GLU A 150 15.00 -18.01 13.91
C GLU A 150 13.96 -17.34 14.74
N ARG A 151 13.21 -18.13 15.47
CA ARG A 151 12.09 -17.63 16.24
C ARG A 151 12.25 -17.74 17.76
N ASP A 152 11.68 -16.79 18.48
CA ASP A 152 11.47 -16.95 19.89
C ASP A 152 10.48 -18.06 20.15
N SER A 153 10.88 -19.02 20.98
CA SER A 153 10.03 -20.13 21.38
C SER A 153 8.65 -19.74 21.96
N ALA A 154 8.65 -18.70 22.80
CA ALA A 154 7.41 -18.23 23.46
C ALA A 154 6.49 -17.44 22.51
N THR A 155 6.91 -16.24 22.12
CA THR A 155 6.09 -15.30 21.36
C THR A 155 5.96 -15.62 19.85
N HIS A 156 6.74 -16.59 19.38
CA HIS A 156 6.90 -16.91 17.96
C HIS A 156 7.50 -15.79 17.13
N GLU A 157 8.12 -14.85 17.82
CA GLU A 157 8.53 -13.61 17.23
C GLU A 157 9.89 -13.79 16.63
N LEU A 158 10.14 -13.04 15.59
CA LEU A 158 11.37 -13.19 14.87
C LEU A 158 12.54 -12.73 15.74
N THR A 159 13.60 -13.54 15.80
CA THR A 159 14.86 -13.12 16.46
C THR A 159 16.07 -12.87 15.54
N LYS A 160 16.18 -13.61 14.43
CA LYS A 160 17.30 -13.42 13.53
C LYS A 160 16.94 -13.77 12.07
N VAL A 161 17.35 -12.89 11.15
CA VAL A 161 17.46 -13.24 9.74
C VAL A 161 18.81 -12.90 9.14
N SER A 162 19.16 -13.66 8.10
CA SER A 162 20.40 -13.48 7.40
C SER A 162 20.10 -12.93 6.04
N GLU A 163 21.04 -12.24 5.42
CA GLU A 163 20.74 -11.71 4.09
C GLU A 163 20.72 -12.84 3.02
N GLU A 164 21.50 -13.90 3.24
CA GLU A 164 21.63 -15.00 2.31
C GLU A 164 20.65 -16.12 2.59
N PRO A 165 20.15 -16.79 1.53
CA PRO A 165 19.52 -18.09 1.71
C PRO A 165 20.56 -18.97 2.31
N ILE A 166 20.17 -20.04 2.96
CA ILE A 166 21.10 -21.00 3.45
C ILE A 166 21.32 -22.11 2.45
N HIS A 167 20.50 -22.19 1.40
CA HIS A 167 20.76 -23.13 0.33
C HIS A 167 20.05 -22.63 -0.94
N LYS A 168 20.68 -22.81 -2.10
CA LYS A 168 20.09 -22.45 -3.36
C LYS A 168 19.96 -23.73 -4.13
N ILE A 169 18.74 -24.15 -4.42
CA ILE A 169 18.62 -25.26 -5.33
C ILE A 169 18.63 -24.71 -6.77
N ILE A 170 19.77 -24.77 -7.44
CA ILE A 170 19.90 -24.28 -8.82
C ILE A 170 19.14 -25.24 -9.74
N THR A 171 18.43 -24.69 -10.74
CA THR A 171 17.78 -25.53 -11.75
C THR A 171 18.69 -26.75 -12.08
N HIS A 172 18.13 -27.93 -11.91
CA HIS A 172 18.85 -29.21 -12.02
C HIS A 172 19.01 -29.64 -13.50
N GLU A 173 20.22 -30.11 -13.86
CA GLU A 173 20.55 -30.66 -15.20
C GLU A 173 19.37 -31.35 -15.90
N GLY A 174 19.00 -30.84 -17.06
CA GLY A 174 17.87 -31.42 -17.83
C GLY A 174 16.45 -31.07 -17.34
N LEU A 175 16.32 -30.08 -16.48
CA LEU A 175 15.00 -29.54 -16.18
C LEU A 175 14.99 -28.11 -16.63
N ASP A 176 13.87 -27.61 -17.15
CA ASP A 176 13.72 -26.14 -17.23
C ASP A 176 13.56 -25.55 -15.82
N ALA A 177 13.54 -24.23 -15.74
CA ALA A 177 13.46 -23.55 -14.48
C ALA A 177 12.18 -23.88 -13.72
N ALA A 178 12.30 -24.02 -12.41
CA ALA A 178 11.11 -24.20 -11.60
C ALA A 178 10.16 -22.98 -11.67
N THR A 179 8.86 -23.26 -11.67
CA THR A 179 7.80 -22.22 -11.59
C THR A 179 7.03 -22.24 -10.24
N VAL A 180 6.82 -23.41 -9.66
CA VAL A 180 6.06 -23.56 -8.39
C VAL A 180 6.78 -24.56 -7.52
N ALA A 181 6.66 -24.44 -6.21
CA ALA A 181 7.25 -25.40 -5.28
C ALA A 181 6.56 -25.32 -3.95
N GLY A 182 6.65 -26.39 -3.17
CA GLY A 182 6.13 -26.43 -1.83
C GLY A 182 6.72 -27.55 -1.00
N TRP A 183 6.32 -27.63 0.26
CA TRP A 183 6.95 -28.52 1.19
C TRP A 183 5.98 -29.67 1.45
N SER A 184 6.51 -30.90 1.53
CA SER A 184 5.76 -32.03 1.97
C SER A 184 5.69 -32.06 3.50
N THR A 185 5.00 -33.09 4.03
CA THR A 185 4.71 -33.26 5.44
C THR A 185 5.98 -33.14 6.28
N LYS A 186 5.92 -32.27 7.28
CA LYS A 186 7.01 -32.00 8.24
C LYS A 186 8.25 -31.52 7.56
N GLY A 187 8.07 -31.06 6.33
CA GLY A 187 9.09 -30.35 5.59
C GLY A 187 10.20 -31.27 5.19
N LYS A 188 9.91 -32.55 4.94
CA LYS A 188 10.95 -33.54 4.56
C LYS A 188 11.30 -33.45 3.11
N TYR A 189 10.35 -33.07 2.24
CA TYR A 189 10.74 -32.83 0.91
C TYR A 189 10.27 -31.50 0.40
N ILE A 190 10.93 -31.04 -0.65
CA ILE A 190 10.39 -29.97 -1.45
C ILE A 190 10.02 -30.58 -2.80
N ILE A 191 8.79 -30.34 -3.24
CA ILE A 191 8.35 -30.76 -4.57
C ILE A 191 8.27 -29.51 -5.43
N ALA A 192 8.82 -29.60 -6.65
CA ALA A 192 8.87 -28.46 -7.56
C ALA A 192 8.21 -28.78 -8.88
N GLY A 193 7.63 -27.77 -9.51
CA GLY A 193 6.99 -27.88 -10.82
C GLY A 193 7.86 -27.04 -11.72
N HIS A 194 7.97 -27.44 -12.97
CA HIS A 194 8.89 -26.82 -13.95
C HIS A 194 8.23 -26.33 -15.26
N LYS A 195 8.98 -25.47 -15.94
CA LYS A 195 8.56 -24.82 -17.15
C LYS A 195 8.39 -25.86 -18.29
N ASP A 196 9.00 -27.03 -18.17
CA ASP A 196 8.83 -28.06 -19.23
C ASP A 196 7.76 -29.08 -18.82
N GLY A 197 7.01 -28.79 -17.76
CA GLY A 197 5.90 -29.66 -17.34
C GLY A 197 6.31 -30.86 -16.51
N LYS A 198 7.57 -30.91 -16.09
CA LYS A 198 8.03 -31.89 -15.14
C LYS A 198 7.79 -31.55 -13.66
N ILE A 199 7.92 -32.57 -12.81
CA ILE A 199 7.98 -32.42 -11.38
C ILE A 199 9.22 -33.11 -10.84
N SER A 200 9.83 -32.49 -9.82
CA SER A 200 10.96 -33.08 -9.11
C SER A 200 10.88 -32.92 -7.55
N LYS A 201 11.73 -33.64 -6.84
CA LYS A 201 11.61 -33.80 -5.42
C LYS A 201 13.00 -33.72 -4.83
N TYR A 202 13.17 -33.01 -3.73
CA TYR A 202 14.48 -32.71 -3.11
C TYR A 202 14.31 -33.10 -1.68
N ASP A 203 15.28 -33.85 -1.16
CA ASP A 203 15.37 -34.34 0.21
C ASP A 203 16.00 -33.29 1.12
N VAL A 204 15.16 -32.67 1.94
CA VAL A 204 15.59 -31.62 2.84
C VAL A 204 16.73 -32.04 3.83
N SER A 205 16.56 -33.16 4.53
CA SER A 205 17.55 -33.59 5.55
C SER A 205 18.93 -33.87 4.92
N ASN A 206 18.95 -34.36 3.69
CA ASN A 206 20.21 -34.56 2.98
C ASN A 206 20.61 -33.39 2.08
N ASN A 207 20.67 -32.20 2.66
CA ASN A 207 21.14 -31.00 1.96
C ASN A 207 20.39 -30.62 0.66
N TYR A 208 19.08 -30.84 0.65
CA TYR A 208 18.24 -30.55 -0.53
C TYR A 208 18.66 -31.28 -1.82
N GLU A 209 19.27 -32.45 -1.70
CA GLU A 209 19.65 -33.25 -2.86
C GLU A 209 18.45 -33.80 -3.64
N TYR A 210 18.59 -33.78 -4.96
CA TYR A 210 17.65 -34.36 -5.87
C TYR A 210 17.36 -35.78 -5.48
N VAL A 211 16.11 -36.18 -5.63
CA VAL A 211 15.71 -37.59 -5.43
C VAL A 211 15.21 -38.21 -6.72
N ASP A 212 14.16 -37.63 -7.27
CA ASP A 212 13.46 -38.20 -8.42
C ASP A 212 12.69 -37.07 -9.17
N SER A 213 12.19 -37.40 -10.35
CA SER A 213 11.37 -36.46 -11.08
C SER A 213 10.57 -37.17 -12.11
N ILE A 214 9.60 -36.51 -12.71
CA ILE A 214 8.75 -37.24 -13.64
C ILE A 214 8.21 -36.30 -14.66
N ASP A 215 7.99 -36.81 -15.86
CA ASP A 215 7.22 -36.09 -16.85
C ASP A 215 5.78 -36.16 -16.39
N LEU A 216 5.00 -35.13 -16.69
CA LEU A 216 3.64 -35.05 -16.27
C LEU A 216 2.83 -34.21 -17.26
N HIS A 217 3.22 -32.98 -17.52
CA HIS A 217 2.45 -32.15 -18.41
C HIS A 217 3.19 -31.79 -19.71
N GLU A 218 2.44 -31.29 -20.70
CA GLU A 218 2.96 -30.89 -22.00
C GLU A 218 3.38 -29.43 -22.06
N LYS A 219 2.91 -28.64 -21.09
CA LYS A 219 3.27 -27.25 -20.99
C LYS A 219 3.71 -26.97 -19.56
N SER A 220 3.94 -25.70 -19.25
CA SER A 220 4.51 -25.33 -18.01
C SER A 220 3.52 -25.70 -16.87
N ILE A 221 4.02 -26.22 -15.75
CA ILE A 221 3.15 -26.42 -14.59
C ILE A 221 2.61 -25.07 -14.01
N SER A 222 1.30 -24.84 -13.96
CA SER A 222 0.91 -23.50 -13.55
C SER A 222 0.61 -23.32 -12.06
N ASP A 223 0.30 -24.41 -11.33
CA ASP A 223 0.06 -24.34 -9.91
C ASP A 223 0.35 -25.71 -9.37
N MET A 224 0.63 -25.75 -8.07
CA MET A 224 0.72 -27.00 -7.38
C MET A 224 0.32 -26.73 -5.93
N GLN A 225 -0.59 -27.52 -5.42
CA GLN A 225 -1.11 -27.29 -4.08
C GLN A 225 -1.31 -28.63 -3.42
N PHE A 226 -1.02 -28.71 -2.12
CA PHE A 226 -1.00 -29.95 -1.39
C PHE A 226 -2.30 -30.27 -0.74
N SER A 227 -2.38 -31.49 -0.29
CA SER A 227 -3.51 -31.97 0.51
C SER A 227 -3.47 -31.41 1.92
N PRO A 228 -4.56 -31.50 2.68
CA PRO A 228 -4.54 -31.03 4.09
C PRO A 228 -3.33 -31.51 4.87
N ASP A 229 -2.92 -32.78 4.69
CA ASP A 229 -1.76 -33.30 5.40
C ASP A 229 -0.43 -33.32 4.67
N LEU A 230 -0.38 -32.75 3.46
CA LEU A 230 0.88 -32.58 2.74
C LEU A 230 1.49 -33.88 2.23
N THR A 231 0.68 -34.94 2.14
CA THR A 231 1.24 -36.22 1.65
C THR A 231 0.94 -36.45 0.18
N TYR A 232 -0.01 -35.71 -0.37
CA TYR A 232 -0.15 -35.72 -1.82
C TYR A 232 -0.50 -34.35 -2.31
N PHE A 233 -0.47 -34.16 -3.62
CA PHE A 233 -0.64 -32.87 -4.16
C PHE A 233 -1.36 -32.90 -5.53
N ILE A 234 -1.76 -31.69 -5.99
CA ILE A 234 -2.47 -31.57 -7.24
C ILE A 234 -1.76 -30.53 -8.07
N THR A 235 -1.63 -30.78 -9.39
CA THR A 235 -1.00 -29.84 -10.30
C THR A 235 -2.02 -29.42 -11.32
N SER A 236 -1.72 -28.38 -12.05
CA SER A 236 -2.60 -27.96 -13.12
C SER A 236 -1.68 -27.36 -14.18
N SER A 237 -2.18 -27.26 -15.40
CA SER A 237 -1.34 -26.70 -16.44
C SER A 237 -2.23 -26.10 -17.49
N ARG A 238 -1.70 -25.12 -18.21
CA ARG A 238 -2.45 -24.65 -19.39
C ARG A 238 -2.60 -25.76 -20.52
N ASP A 239 -2.03 -26.96 -20.34
CA ASP A 239 -2.32 -28.04 -21.34
C ASP A 239 -3.70 -28.62 -21.07
N THR A 240 -4.40 -28.02 -20.08
CA THR A 240 -5.83 -28.29 -19.76
C THR A 240 -6.03 -29.46 -18.84
N ASN A 241 -4.97 -30.19 -18.50
CA ASN A 241 -5.07 -31.30 -17.55
C ASN A 241 -4.66 -31.02 -16.10
N SER A 242 -5.17 -31.83 -15.18
CA SER A 242 -4.70 -31.78 -13.82
C SER A 242 -4.42 -33.19 -13.29
N PHE A 243 -3.40 -33.31 -12.45
CA PHE A 243 -2.96 -34.60 -11.85
C PHE A 243 -2.90 -34.54 -10.32
N LEU A 244 -3.41 -35.60 -9.70
CA LEU A 244 -3.18 -35.89 -8.33
C LEU A 244 -1.94 -36.79 -8.25
N VAL A 245 -1.01 -36.48 -7.37
CA VAL A 245 0.28 -37.17 -7.30
C VAL A 245 0.69 -37.35 -5.84
N ASP A 246 1.26 -38.51 -5.53
CA ASP A 246 1.62 -38.93 -4.16
C ASP A 246 3.05 -38.51 -3.88
N VAL A 247 3.31 -37.87 -2.75
CA VAL A 247 4.63 -37.35 -2.44
C VAL A 247 5.70 -38.46 -2.38
N SER A 248 5.37 -39.54 -1.67
CA SER A 248 6.39 -40.51 -1.30
C SER A 248 6.96 -41.29 -2.50
N THR A 249 6.17 -41.48 -3.56
CA THR A 249 6.67 -42.22 -4.72
C THR A 249 6.53 -41.44 -5.99
N LEU A 250 5.87 -40.27 -5.91
CA LEU A 250 5.58 -39.48 -7.13
C LEU A 250 4.77 -40.26 -8.16
N GLN A 251 4.06 -41.28 -7.73
CA GLN A 251 3.13 -41.89 -8.68
C GLN A 251 1.86 -41.04 -8.85
N VAL A 252 1.33 -41.05 -10.06
CA VAL A 252 0.04 -40.51 -10.41
C VAL A 252 -1.09 -41.39 -9.91
N LEU A 253 -1.94 -40.83 -9.06
CA LEU A 253 -3.16 -41.48 -8.54
C LEU A 253 -4.42 -41.21 -9.38
N LYS A 254 -4.52 -39.99 -9.90
CA LYS A 254 -5.73 -39.55 -10.60
C LYS A 254 -5.36 -38.54 -11.67
N LYS A 255 -6.15 -38.48 -12.73
CA LYS A 255 -6.07 -37.44 -13.77
C LYS A 255 -7.44 -36.74 -14.04
N TYR A 256 -7.47 -35.41 -14.09
CA TYR A 256 -8.70 -34.70 -14.40
C TYR A 256 -8.53 -33.96 -15.73
N GLU A 257 -9.33 -34.31 -16.73
CA GLU A 257 -9.20 -33.79 -18.08
C GLU A 257 -10.26 -32.75 -18.34
N THR A 258 -9.85 -31.57 -18.79
CA THR A 258 -10.80 -30.52 -19.06
C THR A 258 -10.59 -30.07 -20.49
N ASP A 259 -11.50 -29.24 -20.98
CA ASP A 259 -11.33 -28.57 -22.27
C ASP A 259 -10.79 -27.11 -22.08
N CYS A 260 -10.21 -26.82 -20.92
CA CYS A 260 -9.94 -25.43 -20.53
C CYS A 260 -8.50 -25.25 -20.06
N PRO A 261 -7.80 -24.22 -20.50
CA PRO A 261 -6.44 -24.14 -19.96
C PRO A 261 -6.43 -23.75 -18.46
N LEU A 262 -5.67 -24.50 -17.66
CA LEU A 262 -5.79 -24.41 -16.20
C LEU A 262 -4.75 -23.54 -15.54
N ASN A 263 -5.19 -22.57 -14.75
CA ASN A 263 -4.22 -21.76 -14.03
C ASN A 263 -4.01 -22.24 -12.58
N THR A 264 -5.02 -22.92 -12.03
CA THR A 264 -5.01 -23.20 -10.61
C THR A 264 -5.76 -24.47 -10.29
N ALA A 265 -5.36 -25.15 -9.20
CA ALA A 265 -6.08 -26.32 -8.68
C ALA A 265 -5.93 -26.48 -7.17
N VAL A 266 -7.01 -26.93 -6.50
CA VAL A 266 -6.96 -27.36 -5.06
C VAL A 266 -7.65 -28.65 -4.70
N ILE A 267 -7.17 -29.24 -3.63
CA ILE A 267 -7.81 -30.36 -2.96
C ILE A 267 -8.64 -29.84 -1.79
N THR A 268 -9.92 -30.17 -1.75
CA THR A 268 -10.80 -29.75 -0.67
C THR A 268 -10.65 -30.60 0.54
N PRO A 269 -10.58 -29.97 1.72
CA PRO A 269 -10.77 -30.70 2.95
C PRO A 269 -12.20 -31.13 3.10
N LEU A 270 -12.41 -32.16 3.91
CA LEU A 270 -13.75 -32.55 4.31
C LEU A 270 -14.56 -33.26 3.24
N LYS A 271 -14.68 -32.70 2.05
CA LYS A 271 -15.26 -33.43 0.94
C LYS A 271 -14.16 -33.87 0.00
N GLU A 272 -14.46 -34.93 -0.74
CA GLU A 272 -13.53 -35.54 -1.67
C GLU A 272 -13.59 -34.89 -3.05
N PHE A 273 -13.30 -33.60 -3.13
CA PHE A 273 -13.41 -32.90 -4.38
C PHE A 273 -12.10 -32.27 -4.66
N ILE A 274 -12.07 -31.71 -5.85
CA ILE A 274 -11.00 -30.96 -6.43
C ILE A 274 -11.65 -29.72 -7.07
N ILE A 275 -10.93 -28.58 -7.09
CA ILE A 275 -11.48 -27.43 -7.73
C ILE A 275 -10.48 -26.97 -8.73
N LEU A 276 -10.97 -26.72 -9.95
CA LEU A 276 -10.04 -26.31 -10.98
C LEU A 276 -10.41 -24.99 -11.52
N GLY A 277 -9.44 -24.19 -11.93
CA GLY A 277 -9.84 -22.97 -12.61
C GLY A 277 -8.83 -22.42 -13.57
N GLY A 278 -9.30 -21.66 -14.51
CA GLY A 278 -8.44 -21.20 -15.59
C GLY A 278 -9.24 -20.35 -16.53
N GLY A 279 -8.89 -20.42 -17.81
CA GLY A 279 -9.69 -19.80 -18.87
C GLY A 279 -8.82 -19.17 -19.92
N GLN A 280 -9.48 -18.76 -21.00
CA GLN A 280 -8.80 -18.17 -22.15
C GLN A 280 -9.19 -16.70 -22.25
N GLU A 281 -8.20 -15.80 -22.40
CA GLU A 281 -8.43 -14.34 -22.58
C GLU A 281 -9.82 -13.93 -23.08
N PHE A 295 -17.02 -17.29 -16.97
CA PHE A 295 -15.80 -17.89 -16.41
C PHE A 295 -16.00 -18.58 -15.04
N GLU A 296 -15.79 -19.89 -14.99
CA GLU A 296 -16.35 -20.70 -13.92
C GLU A 296 -15.34 -21.62 -13.31
N ALA A 297 -15.28 -21.68 -11.99
CA ALA A 297 -14.48 -22.74 -11.33
C ALA A 297 -15.20 -24.05 -11.54
N ARG A 298 -14.46 -25.13 -11.75
CA ARG A 298 -15.06 -26.46 -11.92
C ARG A 298 -14.70 -27.36 -10.76
N PHE A 299 -15.70 -27.98 -10.19
CA PHE A 299 -15.51 -28.99 -9.17
C PHE A 299 -15.50 -30.35 -9.76
N TYR A 300 -14.59 -31.19 -9.28
CA TYR A 300 -14.52 -32.59 -9.76
C TYR A 300 -14.54 -33.46 -8.56
N HIS A 301 -15.09 -34.65 -8.74
CA HIS A 301 -14.93 -35.60 -7.69
C HIS A 301 -13.51 -36.13 -7.71
N LYS A 302 -12.78 -36.03 -6.60
CA LYS A 302 -11.40 -36.42 -6.54
C LYS A 302 -11.12 -37.88 -6.82
N ILE A 303 -11.98 -38.78 -6.37
CA ILE A 303 -11.84 -40.21 -6.63
C ILE A 303 -12.37 -40.74 -7.99
N PHE A 304 -13.52 -40.24 -8.44
CA PHE A 304 -14.17 -40.72 -9.67
C PHE A 304 -13.80 -39.92 -10.91
N GLU A 305 -13.15 -38.79 -10.68
CA GLU A 305 -12.52 -38.06 -11.75
C GLU A 305 -13.53 -37.43 -12.73
N GLU A 306 -14.69 -37.06 -12.23
CA GLU A 306 -15.84 -36.69 -13.03
C GLU A 306 -16.22 -35.25 -12.61
N GLU A 307 -16.65 -34.42 -13.56
CA GLU A 307 -17.13 -33.11 -13.21
C GLU A 307 -18.47 -33.11 -12.46
N ILE A 308 -18.50 -32.47 -11.29
CA ILE A 308 -19.74 -32.39 -10.58
C ILE A 308 -20.37 -31.03 -10.57
N GLY A 309 -19.68 -29.96 -10.95
CA GLY A 309 -20.35 -28.68 -11.06
C GLY A 309 -19.54 -27.53 -11.59
N ARG A 310 -20.23 -26.43 -11.85
CA ARG A 310 -19.58 -25.28 -12.36
C ARG A 310 -20.15 -24.08 -11.64
N VAL A 311 -19.25 -23.21 -11.19
CA VAL A 311 -19.62 -22.15 -10.30
C VAL A 311 -19.23 -20.91 -11.04
N GLN A 312 -20.24 -20.17 -11.46
CA GLN A 312 -20.02 -18.96 -12.23
C GLN A 312 -19.66 -17.79 -11.33
N GLY A 313 -19.06 -16.77 -11.92
CA GLY A 313 -19.14 -15.43 -11.32
C GLY A 313 -18.03 -14.52 -11.78
N HIS A 314 -16.95 -15.04 -12.37
CA HIS A 314 -15.89 -14.12 -12.79
C HIS A 314 -16.11 -13.47 -14.17
N PHE A 315 -15.57 -12.28 -14.37
CA PHE A 315 -15.63 -11.70 -15.70
C PHE A 315 -14.47 -12.02 -16.64
N GLY A 316 -13.28 -12.33 -16.18
CA GLY A 316 -12.34 -13.05 -17.06
C GLY A 316 -11.83 -14.39 -16.50
N PRO A 317 -10.71 -14.92 -17.03
CA PRO A 317 -10.11 -16.14 -16.46
C PRO A 317 -9.78 -16.06 -14.96
N LEU A 318 -9.95 -17.20 -14.27
CA LEU A 318 -9.51 -17.41 -12.88
C LEU A 318 -8.01 -17.64 -12.82
N ASN A 319 -7.33 -16.83 -12.04
CA ASN A 319 -5.86 -16.90 -11.88
C ASN A 319 -5.44 -17.65 -10.61
N THR A 320 -6.33 -17.83 -9.63
CA THR A 320 -5.92 -18.45 -8.39
C THR A 320 -7.13 -18.88 -7.64
N VAL A 321 -7.06 -20.01 -6.97
CA VAL A 321 -8.12 -20.42 -6.14
C VAL A 321 -7.45 -20.87 -4.83
N ALA A 322 -8.18 -20.75 -3.71
CA ALA A 322 -7.71 -21.29 -2.43
C ALA A 322 -8.91 -21.79 -1.69
N ILE A 323 -8.69 -22.71 -0.77
CA ILE A 323 -9.80 -23.24 0.02
C ILE A 323 -9.36 -23.19 1.48
N SER A 324 -10.32 -22.91 2.34
CA SER A 324 -10.02 -22.76 3.74
C SER A 324 -9.70 -24.12 4.31
N PRO A 325 -8.82 -24.19 5.31
CA PRO A 325 -8.32 -25.50 5.82
C PRO A 325 -9.41 -26.35 6.54
N GLN A 326 -10.56 -25.72 6.81
CA GLN A 326 -11.70 -26.40 7.45
C GLN A 326 -12.67 -26.82 6.33
N GLY A 327 -12.45 -26.35 5.11
CA GLY A 327 -13.31 -26.81 3.99
C GLY A 327 -14.69 -26.16 3.93
N THR A 328 -14.82 -24.99 4.52
CA THR A 328 -16.16 -24.39 4.61
C THR A 328 -16.28 -23.15 3.74
N SER A 329 -15.17 -22.71 3.12
CA SER A 329 -15.31 -21.71 2.07
C SER A 329 -14.17 -21.76 1.08
N TYR A 330 -14.34 -21.14 -0.08
CA TYR A 330 -13.17 -20.98 -0.90
C TYR A 330 -13.21 -19.63 -1.56
N ALA A 331 -12.08 -19.20 -2.06
CA ALA A 331 -12.00 -17.94 -2.71
C ALA A 331 -11.36 -18.16 -4.11
N SER A 332 -11.73 -17.32 -5.06
CA SER A 332 -11.12 -17.36 -6.34
C SER A 332 -10.80 -15.94 -6.73
N GLY A 333 -9.64 -15.70 -7.32
CA GLY A 333 -9.31 -14.40 -7.76
C GLY A 333 -9.17 -14.42 -9.27
N GLY A 334 -9.63 -13.36 -9.90
CA GLY A 334 -9.65 -13.29 -11.36
C GLY A 334 -8.74 -12.30 -12.00
N GLU A 335 -8.62 -12.44 -13.31
CA GLU A 335 -8.03 -11.45 -14.19
C GLU A 335 -8.83 -10.14 -14.18
N ASP A 336 -10.12 -10.25 -13.84
CA ASP A 336 -10.99 -9.08 -13.64
C ASP A 336 -10.61 -8.19 -12.42
N GLY A 337 -9.73 -8.60 -11.50
CA GLY A 337 -9.35 -7.76 -10.35
C GLY A 337 -10.23 -8.10 -9.11
N PHE A 338 -11.15 -9.03 -9.25
CA PHE A 338 -12.03 -9.34 -8.14
C PHE A 338 -11.68 -10.63 -7.38
N ILE A 339 -12.00 -10.67 -6.10
CA ILE A 339 -11.93 -11.93 -5.37
C ILE A 339 -13.35 -12.33 -5.13
N ARG A 340 -13.71 -13.57 -5.43
CA ARG A 340 -15.00 -14.06 -5.00
C ARG A 340 -14.77 -15.04 -3.89
N LEU A 341 -15.48 -14.78 -2.80
CA LEU A 341 -15.47 -15.56 -1.61
C LEU A 341 -16.77 -16.33 -1.49
N HIS A 342 -16.70 -17.63 -1.25
CA HIS A 342 -17.86 -18.50 -1.27
C HIS A 342 -18.02 -19.21 0.08
N HIS A 343 -19.21 -19.21 0.69
CA HIS A 343 -19.47 -20.06 1.86
C HIS A 343 -20.39 -21.19 1.47
N PHE A 344 -19.92 -22.39 1.71
CA PHE A 344 -20.64 -23.61 1.32
C PHE A 344 -21.90 -23.80 2.13
N GLU A 345 -22.98 -24.23 1.48
CA GLU A 345 -24.22 -24.51 2.18
C GLU A 345 -24.48 -25.99 2.34
N LYS A 346 -25.65 -26.24 2.93
CA LYS A 346 -26.16 -27.60 3.18
C LYS A 346 -26.09 -28.54 1.96
N SER A 347 -26.59 -28.15 0.80
CA SER A 347 -26.50 -29.08 -0.38
C SER A 347 -25.03 -29.46 -0.73
N TYR A 348 -24.06 -28.65 -0.29
CA TYR A 348 -22.66 -28.99 -0.61
C TYR A 348 -22.20 -30.07 0.33
N PHE A 349 -22.39 -29.86 1.61
CA PHE A 349 -21.98 -30.85 2.57
C PHE A 349 -22.79 -32.15 2.45
N ASP A 350 -24.02 -32.10 1.94
CA ASP A 350 -24.74 -33.33 1.65
C ASP A 350 -24.51 -33.95 0.24
N PHE A 351 -23.53 -33.47 -0.51
CA PHE A 351 -23.36 -33.96 -1.86
C PHE A 351 -22.63 -35.26 -1.74
N LYS A 352 -23.24 -36.30 -2.30
CA LYS A 352 -22.79 -37.69 -2.16
C LYS A 352 -23.22 -38.54 -3.35
N TYR A 353 -22.32 -39.34 -3.89
CA TYR A 353 -22.77 -40.42 -4.77
C TYR A 353 -23.49 -41.48 -3.94
N ASP A 354 -24.38 -42.21 -4.62
CA ASP A 354 -25.13 -43.29 -3.99
C ASP A 354 -24.22 -44.33 -3.34
N VAL A 355 -23.11 -44.66 -4.00
CA VAL A 355 -22.11 -45.54 -3.35
C VAL A 355 -21.48 -44.95 -2.10
N GLU A 356 -21.33 -43.63 -2.06
CA GLU A 356 -20.73 -43.00 -0.89
C GLU A 356 -21.75 -43.01 0.24
N LYS A 357 -23.04 -42.84 -0.11
CA LYS A 357 -24.15 -42.94 0.85
C LYS A 357 -24.19 -44.33 1.53
N ALA A 358 -23.92 -45.37 0.73
CA ALA A 358 -23.83 -46.74 1.22
C ALA A 358 -22.64 -46.95 2.13
N ALA A 359 -21.53 -46.29 1.81
CA ALA A 359 -20.32 -46.36 2.62
C ALA A 359 -20.53 -45.74 3.99
N GLU A 360 -21.17 -44.57 4.02
CA GLU A 360 -21.32 -43.83 5.26
C GLU A 360 -22.31 -44.48 6.19
N ALA A 361 -23.48 -44.82 5.65
CA ALA A 361 -24.56 -45.40 6.45
C ALA A 361 -24.17 -46.77 7.00
N LYS A 362 -23.38 -47.53 6.22
CA LYS A 362 -22.82 -48.81 6.67
C LYS A 362 -21.48 -48.61 7.39
N GLU A 363 -21.56 -47.83 8.46
CA GLU A 363 -20.49 -47.61 9.43
C GLU A 363 -21.12 -47.93 10.79
N HIS A 364 -21.89 -46.97 11.31
CA HIS A 364 -22.66 -47.14 12.53
C HIS A 364 -23.98 -47.89 12.24
N GLY B 13 11.75 27.87 -35.00
CA GLY B 13 11.11 29.22 -34.74
C GLY B 13 11.23 29.62 -33.26
N GLU B 14 12.02 30.65 -32.95
CA GLU B 14 12.29 31.01 -31.53
C GLU B 14 11.19 31.88 -30.89
N ASN B 15 10.82 31.56 -29.65
CA ASN B 15 9.65 32.14 -28.94
C ASN B 15 10.07 33.45 -28.32
N LEU B 16 9.27 34.51 -28.47
CA LEU B 16 9.63 35.79 -27.94
C LEU B 16 8.53 36.34 -27.07
N TYR B 17 8.93 37.03 -25.99
CA TYR B 17 7.99 37.62 -25.06
C TYR B 17 8.13 39.11 -24.96
N PHE B 18 7.03 39.81 -24.71
CA PHE B 18 7.09 41.23 -24.45
C PHE B 18 7.98 41.62 -23.24
N GLN B 19 7.95 40.82 -22.18
CA GLN B 19 8.57 41.30 -20.92
C GLN B 19 9.58 40.25 -20.49
N GLY B 20 10.41 40.47 -19.46
CA GLY B 20 11.28 39.41 -18.95
C GLY B 20 10.49 38.27 -18.29
N SER B 21 11.20 37.19 -18.04
CA SER B 21 10.79 36.06 -17.23
C SER B 21 10.04 36.27 -15.93
N HIS B 22 9.19 35.32 -15.59
CA HIS B 22 8.61 35.39 -14.26
C HIS B 22 9.54 34.73 -13.20
N MET B 23 10.32 33.72 -13.58
CA MET B 23 11.20 33.02 -12.65
C MET B 23 12.28 32.25 -13.42
N LYS B 24 13.41 31.97 -12.77
CA LYS B 24 14.39 31.00 -13.23
C LYS B 24 14.28 29.76 -12.37
N ALA B 25 14.43 28.61 -13.02
CA ALA B 25 14.36 27.36 -12.34
C ALA B 25 15.63 26.55 -12.47
N ILE B 26 16.05 25.92 -11.41
CA ILE B 26 17.03 24.88 -11.56
C ILE B 26 16.45 23.55 -10.98
N LYS B 27 17.12 22.45 -11.28
CA LYS B 27 16.59 21.15 -10.94
C LYS B 27 17.56 20.47 -9.99
N LEU B 28 17.06 20.07 -8.84
CA LEU B 28 17.82 19.34 -7.84
C LEU B 28 17.58 17.83 -8.01
N THR B 29 18.66 17.08 -8.09
CA THR B 29 18.47 15.62 -8.20
C THR B 29 19.21 15.05 -6.99
N GLY B 30 18.61 14.07 -6.33
CA GLY B 30 19.25 13.41 -5.23
C GLY B 30 18.39 12.20 -4.99
N HIS B 31 17.10 12.49 -4.92
CA HIS B 31 16.11 11.46 -4.71
C HIS B 31 15.92 10.67 -6.03
N GLU B 32 15.96 9.36 -5.92
CA GLU B 32 15.64 8.58 -7.07
C GLU B 32 14.17 8.15 -7.02
N ARG B 33 13.40 8.69 -6.09
CA ARG B 33 12.07 8.18 -5.88
C ARG B 33 11.11 9.33 -5.84
N PRO B 34 9.82 9.05 -6.03
CA PRO B 34 8.85 10.17 -6.00
C PRO B 34 9.01 11.05 -4.70
N LEU B 35 8.92 12.38 -4.83
CA LEU B 35 8.98 13.30 -3.71
C LEU B 35 7.69 13.17 -2.93
N THR B 36 7.77 13.32 -1.60
CA THR B 36 6.60 13.36 -0.74
C THR B 36 6.42 14.69 -0.04
N GLN B 37 7.50 15.40 0.28
CA GLN B 37 7.36 16.73 0.92
C GLN B 37 8.61 17.57 0.77
N VAL B 38 8.43 18.84 0.45
CA VAL B 38 9.46 19.85 0.55
C VAL B 38 9.05 20.96 1.49
N LYS B 39 10.02 21.53 2.23
CA LYS B 39 9.78 22.63 3.22
C LYS B 39 10.90 23.61 3.27
N TYR B 40 10.57 24.89 3.35
CA TYR B 40 11.60 25.87 3.66
C TYR B 40 11.73 26.05 5.18
N ASN B 41 12.90 26.49 5.65
CA ASN B 41 12.95 26.94 7.05
C ASN B 41 12.49 28.41 7.21
N LYS B 42 12.37 28.86 8.45
CA LYS B 42 11.81 30.18 8.76
C LYS B 42 12.53 31.34 8.00
N GLU B 43 13.86 31.33 7.93
CA GLU B 43 14.62 32.37 7.18
C GLU B 43 14.74 32.11 5.70
N GLY B 44 14.30 30.92 5.26
CA GLY B 44 14.13 30.64 3.82
C GLY B 44 15.41 30.39 3.09
N ASP B 45 16.51 30.23 3.84
CA ASP B 45 17.78 29.82 3.26
C ASP B 45 18.02 28.32 3.18
N LEU B 46 17.26 27.47 3.86
CA LEU B 46 17.40 26.04 3.62
C LEU B 46 16.13 25.39 3.13
N LEU B 47 16.26 24.33 2.36
CA LEU B 47 15.06 23.58 1.88
C LEU B 47 15.25 22.12 2.39
N PHE B 48 14.19 21.53 2.94
CA PHE B 48 14.20 20.14 3.41
C PHE B 48 13.31 19.30 2.51
N SER B 49 13.73 18.08 2.18
CA SER B 49 12.88 17.25 1.36
C SER B 49 12.93 15.82 1.74
N CYS B 50 11.80 15.16 1.60
CA CYS B 50 11.78 13.74 1.76
C CYS B 50 11.08 13.16 0.53
N SER B 51 11.14 11.85 0.36
CA SER B 51 10.60 11.18 -0.85
C SER B 51 10.33 9.73 -0.40
N LYS B 52 10.00 8.85 -1.36
CA LYS B 52 9.82 7.42 -1.06
C LYS B 52 11.15 6.68 -0.73
N ASP B 53 12.29 7.33 -0.87
CA ASP B 53 13.56 6.77 -0.38
C ASP B 53 13.56 6.81 1.19
N SER B 54 14.54 6.19 1.83
CA SER B 54 14.53 6.19 3.29
C SER B 54 15.45 7.28 3.95
N SER B 55 16.03 8.15 3.13
CA SER B 55 16.77 9.33 3.63
C SER B 55 16.20 10.65 3.09
N ALA B 56 16.27 11.71 3.93
CA ALA B 56 15.79 13.02 3.64
C ALA B 56 17.00 13.90 3.28
N SER B 57 16.80 15.03 2.58
CA SER B 57 17.92 15.86 2.20
C SER B 57 17.70 17.28 2.61
N VAL B 58 18.83 17.96 2.77
CA VAL B 58 18.77 19.36 3.15
C VAL B 58 19.52 20.09 2.08
N TRP B 59 18.96 21.17 1.56
CA TRP B 59 19.57 21.92 0.45
C TRP B 59 19.60 23.41 0.76
N TYR B 60 20.64 24.10 0.27
CA TYR B 60 20.67 25.55 0.26
C TYR B 60 19.70 25.97 -0.77
N SER B 61 18.81 26.88 -0.35
CA SER B 61 17.79 27.40 -1.21
C SER B 61 18.27 28.47 -2.17
N LEU B 62 19.48 28.98 -1.99
CA LEU B 62 20.11 29.95 -2.92
C LEU B 62 20.51 29.32 -4.26
N ASN B 63 21.02 28.11 -4.25
CA ASN B 63 21.66 27.63 -5.45
C ASN B 63 21.32 26.19 -5.69
N GLY B 64 20.54 25.59 -4.77
CA GLY B 64 20.23 24.15 -4.80
C GLY B 64 21.31 23.16 -4.44
N GLU B 65 22.45 23.65 -3.92
CA GLU B 65 23.53 22.79 -3.45
C GLU B 65 23.03 21.93 -2.29
N ARG B 66 23.42 20.66 -2.27
CA ARG B 66 23.02 19.76 -1.21
C ARG B 66 23.86 19.96 0.05
N LEU B 67 23.24 20.21 1.17
CA LEU B 67 24.00 20.51 2.37
C LEU B 67 24.30 19.20 3.01
N GLY B 68 23.34 18.28 3.03
CA GLY B 68 23.60 16.94 3.56
C GLY B 68 22.32 16.12 3.63
N THR B 69 22.39 14.96 4.27
CA THR B 69 21.26 14.04 4.35
C THR B 69 20.98 13.58 5.77
N LEU B 70 19.74 13.14 5.96
CA LEU B 70 19.25 12.58 7.19
C LEU B 70 19.01 11.10 7.02
N ASP B 71 19.89 10.27 7.57
CA ASP B 71 19.90 8.78 7.37
C ASP B 71 19.50 8.02 8.65
N GLY B 72 18.63 7.02 8.57
CA GLY B 72 18.25 6.21 9.80
C GLY B 72 16.90 5.57 9.66
N HIS B 73 16.00 6.21 8.92
CA HIS B 73 14.78 5.51 8.64
C HIS B 73 15.05 4.33 7.67
N THR B 74 14.14 3.36 7.66
CA THR B 74 14.24 2.20 6.76
C THR B 74 13.06 2.17 5.79
N GLY B 75 12.29 3.25 5.68
CA GLY B 75 11.09 3.20 4.86
C GLY B 75 10.85 4.59 4.27
N THR B 76 9.97 4.69 3.30
CA THR B 76 9.53 5.95 2.82
C THR B 76 9.40 6.91 3.98
N ILE B 77 9.87 8.16 3.79
CA ILE B 77 9.59 9.23 4.71
C ILE B 77 8.45 10.05 4.07
N TRP B 78 7.29 10.11 4.76
CA TRP B 78 6.12 10.83 4.26
C TRP B 78 6.10 12.30 4.55
N SER B 79 6.78 12.72 5.61
CA SER B 79 6.61 14.11 6.06
C SER B 79 7.89 14.59 6.73
N ILE B 80 8.23 15.82 6.48
CA ILE B 80 9.32 16.41 7.19
C ILE B 80 8.91 17.81 7.71
N ASP B 81 9.43 18.23 8.87
CA ASP B 81 9.19 19.61 9.32
C ASP B 81 10.37 20.22 10.05
N VAL B 82 10.48 21.53 10.00
CA VAL B 82 11.69 22.08 10.67
C VAL B 82 11.19 23.12 11.66
N ASP B 83 11.78 23.15 12.87
CA ASP B 83 11.29 24.03 13.93
C ASP B 83 11.61 25.50 13.65
N CYS B 84 10.92 26.42 14.35
CA CYS B 84 11.14 27.88 14.12
C CYS B 84 12.57 28.39 14.35
N PHE B 85 13.40 27.62 15.08
CA PHE B 85 14.83 27.99 15.35
C PHE B 85 15.82 27.43 14.36
N THR B 86 15.35 26.55 13.47
CA THR B 86 16.17 25.71 12.64
C THR B 86 17.14 24.91 13.49
N LYS B 87 16.68 24.47 14.64
CA LYS B 87 17.55 23.58 15.40
C LYS B 87 17.27 22.08 15.17
N TYR B 88 16.00 21.72 15.19
CA TYR B 88 15.66 20.31 14.90
C TYR B 88 14.67 20.21 13.71
N CYS B 89 14.75 19.10 13.01
CA CYS B 89 13.68 18.80 12.16
C CYS B 89 13.15 17.47 12.57
N VAL B 90 11.88 17.25 12.26
CA VAL B 90 11.24 16.01 12.63
C VAL B 90 10.75 15.35 11.32
N THR B 91 10.85 14.03 11.27
CA THR B 91 10.33 13.23 10.12
C THR B 91 9.32 12.15 10.52
N GLY B 92 8.34 11.85 9.64
CA GLY B 92 7.42 10.75 9.91
C GLY B 92 7.62 9.70 8.79
N SER B 93 7.66 8.42 9.14
CA SER B 93 8.02 7.36 8.21
C SER B 93 7.08 6.14 8.09
N ALA B 94 7.17 5.50 6.92
CA ALA B 94 6.41 4.29 6.60
C ALA B 94 6.93 3.22 7.40
N ASP B 95 8.16 3.35 7.91
CA ASP B 95 8.73 2.35 8.82
C ASP B 95 8.18 2.44 10.24
N TYR B 96 7.08 3.15 10.46
CA TYR B 96 6.40 3.09 11.76
C TYR B 96 7.23 3.81 12.85
N SER B 97 7.81 4.96 12.50
CA SER B 97 8.56 5.73 13.43
C SER B 97 8.57 7.21 13.07
N ILE B 98 8.82 8.04 14.08
CA ILE B 98 9.07 9.45 13.97
C ILE B 98 10.48 9.63 14.50
N LYS B 99 11.31 10.44 13.82
CA LYS B 99 12.60 10.78 14.32
C LYS B 99 12.77 12.28 14.49
N LEU B 100 13.62 12.65 15.44
CA LEU B 100 13.93 14.07 15.68
C LEU B 100 15.41 14.22 15.29
N TRP B 101 15.78 15.20 14.49
CA TRP B 101 17.11 15.34 14.02
C TRP B 101 17.65 16.70 14.38
N ASP B 102 18.94 16.71 14.65
CA ASP B 102 19.69 17.94 14.92
C ASP B 102 20.20 18.42 13.56
N VAL B 103 19.78 19.61 13.17
CA VAL B 103 20.03 20.07 11.86
C VAL B 103 21.50 20.32 11.59
N SER B 104 22.27 20.78 12.60
CA SER B 104 23.67 21.17 12.36
C SER B 104 24.61 19.97 12.14
N ASN B 105 24.25 18.78 12.62
CA ASN B 105 25.17 17.65 12.35
C ASN B 105 24.46 16.44 11.71
N GLY B 106 23.17 16.61 11.48
CA GLY B 106 22.39 15.54 10.83
C GLY B 106 22.17 14.26 11.64
N GLN B 107 22.39 14.34 12.94
CA GLN B 107 22.19 13.18 13.79
C GLN B 107 20.80 13.11 14.34
N CYS B 108 20.34 11.88 14.49
CA CYS B 108 19.08 11.59 15.10
C CYS B 108 19.20 11.72 16.60
N VAL B 109 18.32 12.46 17.26
CA VAL B 109 18.42 12.62 18.72
C VAL B 109 17.26 11.98 19.50
N ALA B 110 16.30 11.38 18.80
CA ALA B 110 15.14 10.80 19.46
C ALA B 110 14.33 10.05 18.43
N THR B 111 13.78 8.89 18.81
CA THR B 111 12.94 8.09 17.92
C THR B 111 11.76 7.68 18.75
N TRP B 112 10.57 7.81 18.20
CA TRP B 112 9.39 7.21 18.79
C TRP B 112 8.89 6.16 17.81
N LYS B 113 8.47 5.03 18.37
CA LYS B 113 7.90 4.00 17.63
C LYS B 113 6.42 4.18 17.60
N SER B 114 5.82 3.75 16.49
CA SER B 114 4.42 3.93 16.29
C SER B 114 3.76 2.55 15.96
N PRO B 115 2.51 2.36 16.40
CA PRO B 115 1.85 1.14 16.02
C PRO B 115 1.39 1.16 14.50
N VAL B 116 1.47 2.32 13.81
CA VAL B 116 0.96 2.55 12.43
C VAL B 116 1.91 3.50 11.70
N PRO B 117 1.87 3.59 10.35
CA PRO B 117 2.72 4.57 9.68
C PRO B 117 2.39 5.99 10.06
N VAL B 118 3.36 6.87 9.88
CA VAL B 118 3.13 8.25 10.26
C VAL B 118 3.18 9.02 8.96
N LYS B 119 2.10 9.76 8.69
CA LYS B 119 1.88 10.40 7.39
C LYS B 119 2.14 11.87 7.36
N ARG B 120 2.26 12.48 8.53
CA ARG B 120 2.50 13.89 8.51
C ARG B 120 2.96 14.30 9.87
N VAL B 121 3.88 15.28 9.91
CA VAL B 121 4.37 15.85 11.14
C VAL B 121 4.48 17.36 10.96
N GLU B 122 4.12 18.09 12.01
CA GLU B 122 4.31 19.51 12.03
C GLU B 122 4.58 20.06 13.46
N PHE B 123 5.63 20.86 13.60
CA PHE B 123 5.88 21.71 14.80
C PHE B 123 4.82 22.79 15.08
N SER B 124 4.54 23.00 16.36
CA SER B 124 3.72 24.19 16.80
C SER B 124 4.51 25.44 16.52
N PRO B 125 3.83 26.59 16.40
CA PRO B 125 4.50 27.78 15.95
C PRO B 125 5.70 28.14 16.85
N CYS B 126 5.72 27.74 18.11
CA CYS B 126 6.85 28.13 18.93
C CYS B 126 7.81 27.02 19.20
N GLY B 127 7.52 25.84 18.69
CA GLY B 127 8.52 24.80 18.70
C GLY B 127 8.54 23.86 19.87
N ASN B 128 7.56 23.98 20.75
CA ASN B 128 7.50 23.07 21.92
C ASN B 128 6.71 21.84 21.78
N TYR B 129 5.87 21.76 20.76
CA TYR B 129 5.09 20.56 20.54
C TYR B 129 5.31 20.15 19.05
N PHE B 130 5.06 18.90 18.66
CA PHE B 130 4.77 18.64 17.22
C PHE B 130 3.59 17.72 17.15
N LEU B 131 2.76 17.81 16.10
CA LEU B 131 1.76 16.76 15.95
C LEU B 131 2.24 15.71 14.94
N ALA B 132 1.70 14.48 15.04
CA ALA B 132 1.96 13.48 14.07
C ALA B 132 0.66 12.76 13.71
N ILE B 133 0.42 12.59 12.40
CA ILE B 133 -0.75 11.85 11.95
C ILE B 133 -0.39 10.37 11.87
N LEU B 134 -1.10 9.59 12.67
CA LEU B 134 -0.97 8.15 12.68
C LEU B 134 -2.09 7.54 11.77
N ASP B 135 -1.68 6.85 10.72
CA ASP B 135 -2.65 6.37 9.68
C ASP B 135 -3.61 5.34 10.30
N ASN B 136 -4.85 5.24 9.81
CA ASN B 136 -5.78 4.19 10.32
C ASN B 136 -5.57 2.84 9.65
N VAL B 137 -4.49 2.14 9.97
CA VAL B 137 -4.27 0.84 9.29
C VAL B 137 -4.46 -0.36 10.20
N MET B 138 -4.71 -1.50 9.57
CA MET B 138 -5.08 -2.70 10.30
C MET B 138 -6.27 -2.28 11.15
N LYS B 139 -6.26 -2.46 12.46
CA LYS B 139 -7.49 -2.07 13.22
C LYS B 139 -7.49 -0.71 13.97
N ASN B 140 -6.35 -0.01 13.92
CA ASN B 140 -6.22 1.26 14.55
C ASN B 140 -7.16 2.27 13.89
N PRO B 141 -7.88 3.06 14.69
CA PRO B 141 -8.78 4.05 14.07
C PRO B 141 -8.05 5.28 13.59
N GLY B 142 -6.79 5.40 13.94
CA GLY B 142 -6.03 6.56 13.53
C GLY B 142 -6.20 7.69 14.49
N SER B 143 -5.28 8.65 14.40
CA SER B 143 -5.27 9.73 15.36
C SER B 143 -4.21 10.75 15.08
N ILE B 144 -4.36 11.94 15.65
CA ILE B 144 -3.33 12.97 15.65
C ILE B 144 -2.64 12.91 17.04
N ASN B 145 -1.39 12.48 17.11
CA ASN B 145 -0.62 12.53 18.34
C ASN B 145 0.09 13.86 18.47
N ILE B 146 0.10 14.36 19.70
CA ILE B 146 0.85 15.57 20.11
C ILE B 146 1.97 15.19 21.08
N TYR B 147 3.22 15.54 20.77
CA TYR B 147 4.41 15.35 21.58
C TYR B 147 4.98 16.67 22.07
N GLU B 148 5.61 16.63 23.26
CA GLU B 148 6.20 17.81 23.88
C GLU B 148 7.66 17.67 23.88
N ILE B 149 8.34 18.72 23.45
CA ILE B 149 9.79 18.81 23.60
C ILE B 149 10.00 19.93 24.60
N GLU B 150 10.60 19.58 25.73
CA GLU B 150 11.00 20.58 26.70
C GLU B 150 12.35 21.06 26.18
N ARG B 151 12.49 22.37 26.04
CA ARG B 151 13.75 22.99 25.57
C ARG B 151 14.39 23.96 26.55
N ASP B 152 15.71 23.97 26.58
CA ASP B 152 16.48 25.00 27.21
C ASP B 152 16.07 26.30 26.57
N SER B 153 15.74 27.28 27.39
CA SER B 153 15.20 28.52 26.91
C SER B 153 16.24 29.41 26.15
N ALA B 154 17.54 29.15 26.38
CA ALA B 154 18.60 29.89 25.71
C ALA B 154 19.07 29.25 24.41
N THR B 155 19.47 27.98 24.49
CA THR B 155 19.99 27.29 23.32
C THR B 155 18.90 26.61 22.45
N HIS B 156 17.69 26.47 23.00
CA HIS B 156 16.60 25.70 22.38
C HIS B 156 16.95 24.23 22.14
N GLU B 157 18.06 23.73 22.69
CA GLU B 157 18.34 22.31 22.71
C GLU B 157 17.27 21.65 23.53
N LEU B 158 17.00 20.39 23.20
CA LEU B 158 16.09 19.63 24.06
C LEU B 158 16.72 19.25 25.42
N THR B 159 15.86 19.11 26.42
CA THR B 159 16.24 18.59 27.74
C THR B 159 15.51 17.27 28.03
N LYS B 160 14.26 17.20 27.61
CA LYS B 160 13.45 16.02 27.85
C LYS B 160 12.44 15.81 26.71
N VAL B 161 12.32 14.56 26.32
CA VAL B 161 11.22 14.15 25.49
C VAL B 161 10.62 12.99 26.22
N SER B 162 9.31 12.90 26.20
CA SER B 162 8.67 11.73 26.77
C SER B 162 8.39 10.74 25.66
N GLU B 163 8.42 9.47 26.02
CA GLU B 163 8.12 8.45 25.08
C GLU B 163 6.63 8.48 24.75
N GLU B 164 5.77 9.00 25.62
CA GLU B 164 4.33 9.05 25.33
C GLU B 164 3.90 10.37 24.71
N PRO B 165 2.86 10.34 23.87
CA PRO B 165 2.36 11.67 23.48
C PRO B 165 1.65 12.19 24.69
N ILE B 166 1.54 13.50 24.80
CA ILE B 166 0.80 14.13 25.89
C ILE B 166 -0.69 14.21 25.62
N HIS B 167 -1.11 13.80 24.41
CA HIS B 167 -2.51 13.72 24.01
C HIS B 167 -2.63 13.04 22.64
N LYS B 168 -3.76 12.40 22.42
CA LYS B 168 -4.03 11.69 21.21
C LYS B 168 -5.45 12.08 20.81
N ILE B 169 -5.60 12.81 19.70
CA ILE B 169 -6.91 13.06 19.19
C ILE B 169 -7.27 11.89 18.24
N ILE B 170 -7.96 10.90 18.78
CA ILE B 170 -8.52 9.79 18.04
C ILE B 170 -9.57 10.24 17.00
N THR B 171 -9.58 9.61 15.83
CA THR B 171 -10.56 9.97 14.75
C THR B 171 -11.94 10.26 15.36
N HIS B 172 -12.43 11.46 15.14
CA HIS B 172 -13.71 11.86 15.72
C HIS B 172 -14.88 11.06 15.17
N GLU B 173 -15.86 10.91 16.03
CA GLU B 173 -17.03 10.11 15.76
C GLU B 173 -17.78 10.72 14.56
N GLY B 174 -17.93 9.96 13.49
CA GLY B 174 -18.52 10.50 12.27
C GLY B 174 -17.57 10.93 11.15
N LEU B 175 -16.27 11.11 11.46
CA LEU B 175 -15.27 11.48 10.44
C LEU B 175 -14.47 10.28 10.00
N ASP B 176 -13.85 10.38 8.84
CA ASP B 176 -12.91 9.33 8.51
C ASP B 176 -11.56 9.77 9.16
N ALA B 177 -10.51 8.98 9.04
CA ALA B 177 -9.20 9.36 9.64
C ALA B 177 -8.68 10.67 9.03
N ALA B 178 -8.05 11.48 9.87
CA ALA B 178 -7.23 12.62 9.40
C ALA B 178 -6.11 12.19 8.46
N THR B 179 -5.80 13.05 7.47
CA THR B 179 -4.71 12.81 6.54
C THR B 179 -3.64 13.89 6.67
N VAL B 180 -4.06 15.12 7.01
CA VAL B 180 -3.17 16.27 7.16
C VAL B 180 -3.63 17.04 8.39
N ALA B 181 -2.70 17.73 9.06
CA ALA B 181 -3.07 18.66 10.12
C ALA B 181 -2.00 19.72 10.35
N GLY B 182 -2.39 20.87 10.90
CA GLY B 182 -1.42 21.94 11.16
C GLY B 182 -2.00 22.74 12.29
N TRP B 183 -1.21 23.68 12.81
CA TRP B 183 -1.60 24.53 13.93
C TRP B 183 -1.93 25.94 13.41
N SER B 184 -2.97 26.54 13.96
CA SER B 184 -3.26 27.95 13.68
C SER B 184 -2.38 28.88 14.51
N THR B 185 -2.64 30.18 14.41
CA THR B 185 -1.82 31.23 15.08
C THR B 185 -1.68 30.93 16.59
N LYS B 186 -0.42 31.02 17.05
CA LYS B 186 -0.04 30.77 18.43
C LYS B 186 -0.40 29.40 18.96
N GLY B 187 -0.79 28.48 18.08
CA GLY B 187 -0.94 27.11 18.50
C GLY B 187 -2.27 26.88 19.19
N LYS B 188 -3.21 27.80 18.96
CA LYS B 188 -4.47 27.72 19.67
C LYS B 188 -5.45 26.72 19.07
N TYR B 189 -5.29 26.42 17.80
CA TYR B 189 -6.10 25.36 17.22
C TYR B 189 -5.26 24.44 16.37
N ILE B 190 -5.73 23.21 16.28
CA ILE B 190 -5.23 22.35 15.33
C ILE B 190 -6.32 22.25 14.27
N ILE B 191 -5.93 22.43 13.02
CA ILE B 191 -6.87 22.18 11.93
C ILE B 191 -6.52 20.85 11.27
N ALA B 192 -7.51 20.02 10.94
CA ALA B 192 -7.24 18.76 10.25
C ALA B 192 -8.08 18.49 8.97
N GLY B 193 -7.54 17.73 8.03
CA GLY B 193 -8.31 17.37 6.84
C GLY B 193 -8.39 15.87 6.92
N HIS B 194 -9.47 15.30 6.40
CA HIS B 194 -9.77 13.89 6.53
C HIS B 194 -10.01 13.19 5.21
N LYS B 195 -9.99 11.87 5.27
CA LYS B 195 -10.07 11.02 4.07
C LYS B 195 -11.47 11.07 3.45
N ASP B 196 -12.40 11.77 4.04
CA ASP B 196 -13.73 11.87 3.45
C ASP B 196 -14.05 13.30 2.98
N GLY B 197 -12.99 14.11 2.83
CA GLY B 197 -13.13 15.44 2.32
C GLY B 197 -13.54 16.51 3.32
N LYS B 198 -13.59 16.16 4.62
CA LYS B 198 -13.95 17.09 5.68
C LYS B 198 -12.76 17.80 6.31
N ILE B 199 -13.02 18.92 6.95
CA ILE B 199 -12.02 19.62 7.73
C ILE B 199 -12.61 19.73 9.11
N SER B 200 -11.78 19.52 10.13
CA SER B 200 -12.25 19.64 11.51
C SER B 200 -11.28 20.45 12.34
N LYS B 201 -11.77 20.95 13.45
CA LYS B 201 -11.03 21.97 14.23
C LYS B 201 -11.03 21.57 15.72
N TYR B 202 -9.90 21.75 16.40
CA TYR B 202 -9.74 21.23 17.78
C TYR B 202 -9.11 22.30 18.55
N ASP B 203 -9.61 22.45 19.79
CA ASP B 203 -9.33 23.57 20.67
C ASP B 203 -8.27 23.17 21.67
N VAL B 204 -7.07 23.67 21.44
CA VAL B 204 -5.87 23.23 22.19
C VAL B 204 -5.93 23.52 23.71
N SER B 205 -6.41 24.69 24.10
CA SER B 205 -6.55 25.08 25.54
C SER B 205 -7.47 24.10 26.31
N ASN B 206 -8.61 23.80 25.69
CA ASN B 206 -9.70 22.94 26.19
C ASN B 206 -9.40 21.44 25.98
N ASN B 207 -8.18 21.04 26.26
CA ASN B 207 -7.79 19.67 26.06
C ASN B 207 -8.13 19.16 24.62
N TYR B 208 -7.83 19.98 23.61
CA TYR B 208 -7.95 19.56 22.21
C TYR B 208 -9.34 19.07 21.88
N GLU B 209 -10.37 19.68 22.46
CA GLU B 209 -11.73 19.25 22.13
C GLU B 209 -12.23 19.69 20.75
N TYR B 210 -13.02 18.82 20.14
CA TYR B 210 -13.69 19.10 18.87
C TYR B 210 -14.51 20.34 18.93
N VAL B 211 -14.29 21.25 17.99
CA VAL B 211 -15.03 22.53 17.96
C VAL B 211 -16.05 22.58 16.83
N ASP B 212 -15.69 22.09 15.65
CA ASP B 212 -16.50 22.24 14.45
C ASP B 212 -15.82 21.56 13.23
N SER B 213 -16.58 21.36 12.16
CA SER B 213 -16.12 20.77 10.90
C SER B 213 -16.96 21.22 9.70
N ILE B 214 -16.39 21.12 8.52
CA ILE B 214 -17.09 21.51 7.32
C ILE B 214 -16.89 20.42 6.31
N ASP B 215 -17.80 20.30 5.34
CA ASP B 215 -17.73 19.23 4.37
C ASP B 215 -17.47 19.77 2.99
N LEU B 216 -16.22 19.70 2.57
CA LEU B 216 -15.78 20.46 1.39
C LEU B 216 -15.57 19.68 0.07
N HIS B 217 -14.99 18.50 0.15
CA HIS B 217 -14.53 17.83 -1.04
C HIS B 217 -15.15 16.46 -1.19
N GLU B 218 -15.26 16.00 -2.41
CA GLU B 218 -15.87 14.74 -2.69
C GLU B 218 -14.83 13.62 -2.59
N LYS B 219 -13.57 14.01 -2.44
CA LYS B 219 -12.51 13.08 -2.30
C LYS B 219 -11.72 13.49 -1.07
N SER B 220 -10.75 12.66 -0.72
CA SER B 220 -9.89 12.95 0.41
C SER B 220 -9.22 14.32 0.33
N ILE B 221 -8.84 14.87 1.45
CA ILE B 221 -8.09 16.13 1.47
C ILE B 221 -6.62 15.77 1.28
N SER B 222 -5.97 16.29 0.26
CA SER B 222 -4.61 15.78 0.05
C SER B 222 -3.58 16.76 0.61
N ASP B 223 -3.93 18.04 0.74
CA ASP B 223 -3.02 18.97 1.42
C ASP B 223 -3.82 20.05 2.15
N MET B 224 -3.15 20.72 3.06
CA MET B 224 -3.74 21.84 3.71
C MET B 224 -2.61 22.70 4.21
N GLN B 225 -2.52 23.95 3.76
CA GLN B 225 -1.41 24.76 4.23
C GLN B 225 -1.85 26.14 4.65
N PHE B 226 -1.03 26.79 5.48
CA PHE B 226 -1.49 27.96 6.22
C PHE B 226 -0.99 29.15 5.54
N SER B 227 -1.62 30.30 5.78
CA SER B 227 -1.13 31.57 5.25
C SER B 227 0.03 31.91 6.13
N PRO B 228 0.79 32.95 5.80
CA PRO B 228 1.95 33.31 6.59
C PRO B 228 1.64 33.64 8.07
N ASP B 229 0.52 34.31 8.41
CA ASP B 229 0.17 34.57 9.83
C ASP B 229 -0.61 33.41 10.52
N LEU B 230 -0.86 32.33 9.80
CA LEU B 230 -1.61 31.23 10.36
C LEU B 230 -3.09 31.51 10.71
N THR B 231 -3.72 32.55 10.14
CA THR B 231 -5.12 32.84 10.43
C THR B 231 -6.04 32.30 9.36
N TYR B 232 -5.47 31.99 8.19
CA TYR B 232 -6.27 31.20 7.23
C TYR B 232 -5.45 30.12 6.47
N PHE B 233 -6.13 29.23 5.74
CA PHE B 233 -5.45 28.12 5.13
C PHE B 233 -6.10 27.75 3.84
N ILE B 234 -5.44 26.85 3.09
CA ILE B 234 -5.89 26.52 1.76
C ILE B 234 -5.86 25.00 1.71
N THR B 235 -6.89 24.38 1.11
CA THR B 235 -7.05 22.93 1.06
C THR B 235 -6.88 22.53 -0.38
N SER B 236 -6.56 21.28 -0.63
CA SER B 236 -6.60 20.80 -2.01
C SER B 236 -7.07 19.35 -1.97
N SER B 237 -7.59 18.88 -3.10
CA SER B 237 -8.11 17.53 -3.22
C SER B 237 -7.95 17.00 -4.66
N ARG B 238 -7.91 15.68 -4.79
CA ARG B 238 -7.90 15.07 -6.09
C ARG B 238 -9.30 15.26 -6.78
N ASP B 239 -10.26 15.91 -6.11
CA ASP B 239 -11.58 16.15 -6.72
C ASP B 239 -11.56 17.46 -7.55
N THR B 240 -10.34 18.02 -7.67
CA THR B 240 -10.01 19.13 -8.55
C THR B 240 -10.24 20.50 -7.95
N ASN B 241 -10.77 20.57 -6.75
CA ASN B 241 -11.08 21.86 -6.16
C ASN B 241 -10.11 22.26 -5.04
N SER B 242 -9.99 23.56 -4.79
CA SER B 242 -9.21 24.11 -3.71
C SER B 242 -10.04 25.21 -3.09
N PHE B 243 -9.99 25.26 -1.76
CA PHE B 243 -10.78 26.20 -0.93
C PHE B 243 -9.84 26.97 -0.01
N LEU B 244 -10.07 28.28 0.09
CA LEU B 244 -9.37 29.14 1.04
C LEU B 244 -10.34 29.27 2.25
N VAL B 245 -9.90 29.05 3.49
CA VAL B 245 -10.83 28.87 4.63
C VAL B 245 -10.27 29.65 5.78
N ASP B 246 -11.16 30.35 6.46
CA ASP B 246 -10.82 31.15 7.63
C ASP B 246 -10.73 30.27 8.91
N VAL B 247 -9.71 30.49 9.71
CA VAL B 247 -9.54 29.67 10.87
C VAL B 247 -10.70 29.83 11.90
N SER B 248 -10.97 31.08 12.30
CA SER B 248 -11.83 31.34 13.43
C SER B 248 -13.26 30.94 13.14
N THR B 249 -13.76 31.23 11.95
CA THR B 249 -15.13 30.84 11.61
C THR B 249 -15.24 29.52 10.83
N LEU B 250 -14.15 29.06 10.20
CA LEU B 250 -14.29 28.04 9.14
C LEU B 250 -15.19 28.49 8.04
N GLN B 251 -15.31 29.77 7.82
CA GLN B 251 -16.01 30.22 6.65
C GLN B 251 -15.13 29.91 5.40
N VAL B 252 -15.75 29.42 4.31
CA VAL B 252 -14.99 29.36 3.07
C VAL B 252 -14.92 30.71 2.40
N LEU B 253 -13.71 31.18 2.14
CA LEU B 253 -13.53 32.57 1.67
C LEU B 253 -13.48 32.64 0.15
N LYS B 254 -12.88 31.61 -0.46
CA LYS B 254 -12.57 31.57 -1.90
C LYS B 254 -12.56 30.14 -2.39
N LYS B 255 -12.88 29.95 -3.65
CA LYS B 255 -12.88 28.64 -4.29
C LYS B 255 -12.08 28.73 -5.58
N TYR B 256 -11.16 27.81 -5.78
CA TYR B 256 -10.41 27.78 -7.04
C TYR B 256 -10.80 26.46 -7.68
N GLU B 257 -11.29 26.53 -8.91
CA GLU B 257 -11.96 25.38 -9.52
C GLU B 257 -11.07 24.99 -10.67
N THR B 258 -10.66 23.72 -10.74
CA THR B 258 -9.72 23.29 -11.76
C THR B 258 -10.22 22.03 -12.48
N ASP B 259 -9.56 21.66 -13.57
CA ASP B 259 -9.94 20.43 -14.20
C ASP B 259 -8.87 19.39 -13.91
N CYS B 260 -8.16 19.57 -12.81
CA CYS B 260 -6.97 18.77 -12.53
C CYS B 260 -7.03 18.24 -11.11
N PRO B 261 -6.85 16.93 -10.90
CA PRO B 261 -6.74 16.39 -9.53
C PRO B 261 -5.50 16.98 -8.75
N LEU B 262 -5.73 17.54 -7.57
CA LEU B 262 -4.70 18.36 -6.88
C LEU B 262 -4.12 17.56 -5.76
N ASN B 263 -2.81 17.63 -5.62
CA ASN B 263 -2.06 16.99 -4.52
C ASN B 263 -1.55 18.00 -3.47
N THR B 264 -1.65 19.29 -3.76
CA THR B 264 -0.90 20.22 -2.98
C THR B 264 -1.25 21.66 -3.36
N ALA B 265 -1.10 22.55 -2.40
CA ALA B 265 -1.52 23.93 -2.60
C ALA B 265 -0.83 24.86 -1.62
N VAL B 266 -0.50 26.09 -2.00
CA VAL B 266 0.04 27.07 -1.06
C VAL B 266 -0.41 28.50 -1.34
N ILE B 267 -0.37 29.29 -0.27
CA ILE B 267 -0.67 30.68 -0.24
C ILE B 267 0.66 31.40 -0.30
N THR B 268 0.82 32.31 -1.27
CA THR B 268 2.08 33.05 -1.31
C THR B 268 2.07 34.32 -0.43
N PRO B 269 3.20 34.57 0.25
CA PRO B 269 3.58 35.85 0.84
C PRO B 269 3.91 36.86 -0.25
N LEU B 270 3.98 38.13 0.13
CA LEU B 270 4.32 39.23 -0.78
C LEU B 270 3.23 39.53 -1.81
N LYS B 271 2.82 38.54 -2.60
CA LYS B 271 1.82 38.77 -3.61
C LYS B 271 0.58 38.02 -3.18
N GLU B 272 -0.53 38.43 -3.75
CA GLU B 272 -1.79 37.83 -3.49
C GLU B 272 -2.05 36.59 -4.38
N PHE B 273 -1.14 35.62 -4.31
CA PHE B 273 -1.25 34.51 -5.24
C PHE B 273 -1.45 33.26 -4.50
N ILE B 274 -1.94 32.22 -5.20
CA ILE B 274 -2.15 30.82 -4.70
C ILE B 274 -1.35 29.93 -5.72
N ILE B 275 -0.59 28.94 -5.25
CA ILE B 275 -0.02 27.94 -6.14
C ILE B 275 -0.66 26.56 -5.97
N LEU B 276 -1.16 25.96 -7.02
CA LEU B 276 -1.76 24.62 -6.91
C LEU B 276 -0.99 23.68 -7.79
N GLY B 277 -1.01 22.40 -7.46
CA GLY B 277 -0.18 21.42 -8.12
C GLY B 277 -0.82 20.05 -7.95
N GLY B 278 -0.82 19.28 -9.03
CA GLY B 278 -1.19 17.88 -8.95
C GLY B 278 -0.96 17.25 -10.29
N GLY B 279 -1.97 16.54 -10.80
CA GLY B 279 -1.89 15.98 -12.11
C GLY B 279 -2.26 14.53 -12.10
N GLN B 280 -2.46 13.99 -13.29
CA GLN B 280 -2.89 12.61 -13.41
C GLN B 280 -1.79 11.80 -14.13
N GLU B 281 -1.25 10.76 -13.51
CA GLU B 281 -0.23 9.95 -14.22
C GLU B 281 -0.72 9.48 -15.62
N ALA B 282 0.16 9.53 -16.63
CA ALA B 282 -0.17 9.23 -18.05
C ALA B 282 -0.66 7.80 -18.33
N LYS B 283 -0.01 6.80 -17.71
CA LYS B 283 -0.38 5.39 -17.91
C LYS B 283 -0.22 4.91 -19.40
N ASP B 284 -1.33 4.80 -20.13
CA ASP B 284 -1.30 4.04 -21.39
C ASP B 284 -1.00 4.84 -22.65
N VAL B 285 -1.26 6.15 -22.61
CA VAL B 285 -1.03 7.00 -23.75
C VAL B 285 0.41 7.47 -23.88
N THR B 286 0.82 7.47 -25.14
CA THR B 286 2.13 7.82 -25.63
C THR B 286 2.35 9.32 -25.45
N THR B 287 3.49 9.73 -24.89
CA THR B 287 3.81 11.16 -24.80
C THR B 287 4.92 11.48 -25.78
N THR B 288 4.76 12.55 -26.53
CA THR B 288 5.77 12.95 -27.53
C THR B 288 6.86 13.76 -26.85
N SER B 289 8.01 13.85 -27.49
CA SER B 289 9.05 14.65 -26.97
C SER B 289 8.66 16.13 -26.86
N ALA B 290 7.70 16.61 -27.68
CA ALA B 290 7.30 18.03 -27.63
C ALA B 290 6.48 18.28 -26.36
N ASN B 291 5.71 17.28 -25.98
CA ASN B 291 4.79 17.32 -24.87
C ASN B 291 5.36 16.80 -23.54
N GLU B 292 6.63 16.46 -23.53
CA GLU B 292 7.25 15.87 -22.34
C GLU B 292 7.63 17.08 -21.47
N GLY B 293 7.44 16.95 -20.14
CA GLY B 293 7.93 17.99 -19.19
C GLY B 293 6.86 19.05 -18.97
N LYS B 294 5.62 18.66 -19.14
CA LYS B 294 4.55 19.64 -19.07
C LYS B 294 3.60 19.49 -17.88
N PHE B 295 3.96 18.73 -16.85
CA PHE B 295 3.24 18.85 -15.58
C PHE B 295 3.59 20.20 -14.92
N GLU B 296 2.54 20.93 -14.59
CA GLU B 296 2.71 22.31 -14.23
C GLU B 296 2.16 22.62 -12.81
N ALA B 297 2.62 23.75 -12.27
CA ALA B 297 2.02 24.39 -11.16
C ALA B 297 1.14 25.51 -11.73
N ARG B 298 -0.06 25.68 -11.19
CA ARG B 298 -0.88 26.78 -11.62
C ARG B 298 -0.91 27.84 -10.55
N PHE B 299 -0.64 29.09 -10.95
CA PHE B 299 -0.76 30.25 -10.13
C PHE B 299 -2.17 30.80 -10.41
N TYR B 300 -2.89 31.12 -9.32
CA TYR B 300 -4.17 31.82 -9.34
C TYR B 300 -4.05 33.07 -8.54
N HIS B 301 -4.75 34.12 -8.95
CA HIS B 301 -4.95 35.25 -8.06
C HIS B 301 -5.85 34.86 -6.87
N LYS B 302 -5.37 35.14 -5.67
CA LYS B 302 -6.05 34.70 -4.45
C LYS B 302 -7.44 35.31 -4.30
N ILE B 303 -7.52 36.60 -4.56
CA ILE B 303 -8.74 37.38 -4.36
C ILE B 303 -9.69 37.28 -5.55
N PHE B 304 -9.16 37.29 -6.77
CA PHE B 304 -10.10 37.21 -7.94
C PHE B 304 -10.49 35.81 -8.39
N GLU B 305 -9.84 34.78 -7.82
CA GLU B 305 -10.08 33.38 -8.16
C GLU B 305 -9.83 33.05 -9.64
N GLU B 306 -8.84 33.69 -10.24
CA GLU B 306 -8.63 33.56 -11.66
C GLU B 306 -7.29 32.92 -11.94
N GLU B 307 -7.24 31.89 -12.79
CA GLU B 307 -5.92 31.39 -13.20
C GLU B 307 -5.13 32.48 -13.92
N ILE B 308 -3.93 32.77 -13.40
CA ILE B 308 -3.00 33.72 -14.04
C ILE B 308 -1.71 33.12 -14.66
N GLY B 309 -1.39 31.85 -14.46
CA GLY B 309 -0.20 31.34 -15.09
C GLY B 309 -0.12 29.86 -14.86
N ARG B 310 0.75 29.21 -15.62
CA ARG B 310 1.04 27.79 -15.49
C ARG B 310 2.50 27.73 -15.72
N VAL B 311 3.22 27.00 -14.88
CA VAL B 311 4.68 26.92 -14.94
C VAL B 311 5.04 25.47 -15.14
N GLN B 312 5.58 25.18 -16.31
CA GLN B 312 5.97 23.83 -16.71
C GLN B 312 7.31 23.36 -16.17
N GLY B 313 7.66 22.11 -16.43
CA GLY B 313 8.96 21.61 -16.07
C GLY B 313 9.01 20.19 -15.48
N HIS B 314 7.89 19.68 -14.94
CA HIS B 314 7.90 18.37 -14.29
C HIS B 314 7.52 17.26 -15.28
N PHE B 315 8.08 16.08 -15.08
CA PHE B 315 7.77 14.89 -15.89
C PHE B 315 6.73 13.97 -15.28
N GLY B 316 6.14 14.35 -14.18
CA GLY B 316 5.02 13.54 -13.60
C GLY B 316 4.25 14.44 -12.69
N PRO B 317 3.20 13.91 -12.07
CA PRO B 317 2.40 14.81 -11.23
C PRO B 317 3.25 15.54 -10.15
N LEU B 318 2.89 16.78 -9.79
CA LEU B 318 3.45 17.45 -8.67
C LEU B 318 2.85 16.87 -7.42
N ASN B 319 3.68 16.43 -6.48
CA ASN B 319 3.20 15.90 -5.20
C ASN B 319 3.32 16.87 -4.05
N THR B 320 4.17 17.90 -4.16
CA THR B 320 4.36 18.81 -3.03
C THR B 320 4.87 20.13 -3.56
N VAL B 321 4.41 21.23 -2.98
CA VAL B 321 4.90 22.56 -3.32
C VAL B 321 5.19 23.30 -2.02
N ALA B 322 6.19 24.17 -2.00
CA ALA B 322 6.47 24.93 -0.81
C ALA B 322 6.92 26.23 -1.29
N ILE B 323 6.56 27.28 -0.54
CA ILE B 323 6.99 28.62 -0.88
C ILE B 323 7.89 29.14 0.25
N SER B 324 8.93 29.86 -0.09
CA SER B 324 9.71 30.50 0.95
C SER B 324 8.91 31.60 1.67
N PRO B 325 9.16 31.74 2.96
CA PRO B 325 8.42 32.69 3.82
C PRO B 325 8.67 34.14 3.43
N GLN B 326 9.74 34.38 2.66
CA GLN B 326 10.03 35.70 2.09
C GLN B 326 9.27 35.87 0.78
N GLY B 327 8.67 34.83 0.26
CA GLY B 327 7.95 34.91 -1.00
C GLY B 327 8.82 35.13 -2.25
N THR B 328 10.12 34.83 -2.16
CA THR B 328 11.03 35.09 -3.21
C THR B 328 11.42 33.85 -4.04
N SER B 329 11.07 32.65 -3.58
CA SER B 329 11.14 31.45 -4.39
C SER B 329 10.15 30.38 -4.01
N TYR B 330 10.05 29.36 -4.87
CA TYR B 330 9.18 28.23 -4.50
C TYR B 330 9.79 26.97 -5.02
N ALA B 331 9.49 25.85 -4.40
CA ALA B 331 10.04 24.63 -4.83
C ALA B 331 8.89 23.65 -5.08
N SER B 332 9.06 22.72 -6.02
CA SER B 332 8.05 21.70 -6.22
C SER B 332 8.75 20.38 -6.38
N GLY B 333 8.15 19.30 -5.84
CA GLY B 333 8.77 18.01 -5.93
C GLY B 333 7.80 17.09 -6.68
N GLY B 334 8.32 16.26 -7.58
CA GLY B 334 7.45 15.55 -8.49
C GLY B 334 7.46 14.08 -8.29
N GLU B 335 6.45 13.40 -8.85
CA GLU B 335 6.48 11.95 -8.97
C GLU B 335 7.64 11.54 -9.87
N ASP B 336 8.21 12.46 -10.63
CA ASP B 336 9.49 12.20 -11.37
C ASP B 336 10.79 12.16 -10.50
N GLY B 337 10.71 12.40 -9.20
CA GLY B 337 11.90 12.27 -8.35
C GLY B 337 12.78 13.49 -8.34
N PHE B 338 12.32 14.61 -8.96
CA PHE B 338 13.09 15.87 -8.96
C PHE B 338 12.40 16.95 -8.16
N ILE B 339 13.21 17.90 -7.75
CA ILE B 339 12.73 19.08 -7.12
C ILE B 339 13.12 20.21 -8.04
N ARG B 340 12.16 21.08 -8.41
CA ARG B 340 12.50 22.23 -9.13
C ARG B 340 12.39 23.41 -8.22
N LEU B 341 13.44 24.22 -8.24
CA LEU B 341 13.60 25.28 -7.31
C LEU B 341 13.48 26.58 -8.10
N HIS B 342 12.53 27.46 -7.76
CA HIS B 342 12.26 28.65 -8.61
C HIS B 342 12.51 29.98 -7.94
N HIS B 343 13.40 30.79 -8.51
CA HIS B 343 13.55 32.19 -8.07
C HIS B 343 12.78 33.15 -8.91
N PHE B 344 11.88 33.88 -8.27
CA PHE B 344 11.06 34.89 -8.94
C PHE B 344 11.89 36.06 -9.47
N GLU B 345 11.43 36.63 -10.58
CA GLU B 345 12.05 37.75 -11.23
C GLU B 345 11.15 38.97 -11.15
N LYS B 346 11.68 40.10 -11.62
CA LYS B 346 10.99 41.38 -11.63
C LYS B 346 9.58 41.31 -12.25
N SER B 347 9.36 40.54 -13.32
CA SER B 347 8.01 40.45 -13.90
C SER B 347 7.00 39.86 -12.90
N TYR B 348 7.46 38.92 -12.07
CA TYR B 348 6.59 38.35 -11.06
C TYR B 348 6.25 39.39 -9.98
N PHE B 349 7.24 40.03 -9.39
CA PHE B 349 6.99 41.03 -8.34
C PHE B 349 6.08 42.19 -8.80
N ASP B 350 6.14 42.52 -10.08
CA ASP B 350 5.38 43.63 -10.62
C ASP B 350 4.07 43.22 -11.21
N PHE B 351 3.81 41.91 -11.26
CA PHE B 351 2.52 41.43 -11.77
C PHE B 351 1.30 41.94 -10.95
N LYS B 352 0.39 42.65 -11.63
CA LYS B 352 -0.63 43.51 -10.99
C LYS B 352 -1.79 43.65 -11.96
N TYR B 353 -3.01 43.47 -11.45
CA TYR B 353 -4.23 43.82 -12.18
C TYR B 353 -4.40 45.34 -12.23
N ASP B 354 -5.15 45.86 -13.20
CA ASP B 354 -5.18 47.33 -13.32
C ASP B 354 -5.75 48.02 -12.05
N VAL B 355 -6.80 47.44 -11.47
CA VAL B 355 -7.31 47.97 -10.21
C VAL B 355 -6.34 47.84 -9.03
N GLU B 356 -5.33 46.99 -9.14
CA GLU B 356 -4.33 46.91 -8.07
C GLU B 356 -3.28 47.98 -8.20
N LYS B 357 -2.90 48.32 -9.44
CA LYS B 357 -2.03 49.46 -9.68
C LYS B 357 -2.68 50.75 -9.17
N ALA B 358 -3.97 50.89 -9.47
CA ALA B 358 -4.77 52.07 -9.12
C ALA B 358 -4.77 52.33 -7.63
N ALA B 359 -5.19 51.30 -6.87
CA ALA B 359 -5.24 51.30 -5.42
C ALA B 359 -3.89 51.42 -4.71
N GLU B 360 -2.79 51.01 -5.35
CA GLU B 360 -1.47 51.09 -4.73
C GLU B 360 -0.92 52.51 -4.89
N ALA B 361 -1.36 53.16 -5.97
CA ALA B 361 -1.01 54.55 -6.22
C ALA B 361 -1.90 55.52 -5.40
N LYS B 362 -3.14 55.11 -5.13
CA LYS B 362 -4.10 55.95 -4.39
C LYS B 362 -3.54 56.33 -3.03
N GLU B 363 -2.60 55.52 -2.55
CA GLU B 363 -1.81 55.79 -1.34
C GLU B 363 -1.16 57.18 -1.22
N HIS B 364 -0.64 57.69 -2.35
CA HIS B 364 0.12 58.94 -2.38
C HIS B 364 -0.47 59.95 -3.35
N ARG C 11 -19.77 -54.00 -17.45
CA ARG C 11 -18.99 -53.29 -16.36
C ARG C 11 -19.88 -52.26 -15.63
N ASP C 12 -20.45 -52.69 -14.52
CA ASP C 12 -21.27 -51.87 -13.63
C ASP C 12 -20.52 -50.60 -13.15
N LEU C 13 -20.95 -49.43 -13.63
CA LEU C 13 -20.40 -48.19 -13.13
C LEU C 13 -20.46 -48.17 -11.58
N ILE C 14 -21.55 -48.66 -11.03
CA ILE C 14 -21.68 -48.74 -9.61
C ILE C 14 -20.64 -49.65 -8.94
N LEU C 15 -20.32 -50.81 -9.55
CA LEU C 15 -19.27 -51.65 -8.99
C LEU C 15 -17.89 -51.05 -9.27
N HIS C 16 -17.71 -50.38 -10.41
CA HIS C 16 -16.49 -49.61 -10.68
C HIS C 16 -16.26 -48.49 -9.61
N GLN C 17 -17.31 -47.75 -9.25
CA GLN C 17 -17.28 -46.75 -8.19
C GLN C 17 -16.93 -47.32 -6.82
N ARG C 18 -17.63 -48.37 -6.36
CA ARG C 18 -17.30 -49.08 -5.10
C ARG C 18 -15.81 -49.54 -5.09
N GLU C 19 -15.29 -49.84 -6.27
CA GLU C 19 -13.93 -50.32 -6.39
C GLU C 19 -12.88 -49.16 -6.29
N LEU C 20 -13.21 -48.00 -6.87
CA LEU C 20 -12.37 -46.81 -6.78
C LEU C 20 -12.36 -46.34 -5.33
N LEU C 21 -13.53 -46.38 -4.69
CA LEU C 21 -13.58 -46.03 -3.28
C LEU C 21 -12.74 -46.95 -2.43
N LYS C 22 -12.84 -48.26 -2.68
CA LYS C 22 -12.03 -49.28 -1.97
C LYS C 22 -10.51 -49.03 -2.16
N GLN C 23 -10.09 -48.83 -3.39
CA GLN C 23 -8.69 -48.68 -3.71
C GLN C 23 -8.08 -47.36 -3.17
N TRP C 24 -8.85 -46.27 -3.23
CA TRP C 24 -8.53 -45.05 -2.47
C TRP C 24 -8.28 -45.31 -0.98
N THR C 25 -9.22 -45.99 -0.29
CA THR C 25 -9.06 -46.21 1.14
C THR C 25 -7.83 -47.09 1.42
N GLU C 26 -7.58 -48.07 0.55
CA GLU C 26 -6.34 -48.86 0.60
C GLU C 26 -5.09 -48.01 0.47
N TYR C 27 -5.05 -47.16 -0.56
CA TYR C 27 -3.91 -46.26 -0.75
C TYR C 27 -3.70 -45.39 0.52
N ARG C 28 -4.77 -44.85 1.09
CA ARG C 28 -4.62 -44.01 2.27
C ARG C 28 -4.17 -44.75 3.53
N GLU C 29 -4.66 -45.97 3.75
CA GLU C 29 -4.22 -46.76 4.92
C GLU C 29 -2.72 -47.15 4.83
N LYS C 30 -2.29 -47.54 3.62
CA LYS C 30 -0.91 -47.81 3.27
C LYS C 30 0.03 -46.65 3.62
N ILE C 31 -0.25 -45.46 3.05
CA ILE C 31 0.50 -44.26 3.43
C ILE C 31 0.42 -43.97 4.94
N GLY C 32 -0.79 -44.05 5.48
CA GLY C 32 -1.05 -44.01 6.93
C GLY C 32 -0.10 -44.84 7.77
N GLN C 33 0.08 -46.12 7.42
CA GLN C 33 1.04 -47.02 8.14
C GLN C 33 2.46 -46.52 8.03
N GLU C 34 2.85 -46.20 6.81
CA GLU C 34 4.23 -45.85 6.49
C GLU C 34 4.62 -44.50 7.04
N MET C 35 3.67 -43.74 7.56
CA MET C 35 3.97 -42.42 8.09
C MET C 35 4.00 -42.51 9.60
N GLU C 36 3.33 -43.53 10.14
CA GLU C 36 3.30 -43.79 11.59
C GLU C 36 4.64 -44.40 12.02
N LYS C 37 4.95 -45.55 11.44
CA LYS C 37 6.24 -46.21 11.60
C LYS C 37 7.37 -45.48 10.85
N SER C 38 7.54 -44.18 11.08
CA SER C 38 8.44 -43.41 10.22
C SER C 38 8.77 -42.01 10.76
N MET C 39 7.75 -41.32 11.27
CA MET C 39 7.93 -39.98 11.85
C MET C 39 6.77 -39.72 12.79
N ASN C 40 6.08 -40.82 13.10
CA ASN C 40 5.05 -40.87 14.13
C ASN C 40 3.81 -40.03 13.88
N PHE C 41 3.54 -39.78 12.60
CA PHE C 41 2.58 -38.81 12.14
C PHE C 41 1.28 -39.48 11.73
N LYS C 42 0.16 -38.92 12.18
CA LYS C 42 -1.13 -39.49 11.80
C LYS C 42 -1.82 -38.63 10.73
N ILE C 43 -2.15 -39.25 9.63
CA ILE C 43 -2.85 -38.62 8.53
C ILE C 43 -4.30 -38.19 8.89
N PHE C 44 -4.78 -37.18 8.16
CA PHE C 44 -6.13 -36.63 8.31
C PHE C 44 -6.62 -36.04 6.96
N ASP C 45 -7.91 -35.68 6.90
CA ASP C 45 -8.50 -35.15 5.68
C ASP C 45 -9.09 -33.77 5.95
N VAL C 46 -9.04 -33.37 7.21
CA VAL C 46 -9.41 -32.03 7.63
C VAL C 46 -8.48 -31.60 8.77
N GLN C 47 -8.10 -30.32 8.79
CA GLN C 47 -7.15 -29.75 9.75
C GLN C 47 -7.70 -29.94 11.19
N PRO C 48 -6.97 -30.71 12.05
CA PRO C 48 -7.41 -31.24 13.36
C PRO C 48 -7.38 -30.21 14.50
N GLU C 49 -8.12 -30.48 15.58
CA GLU C 49 -8.01 -29.73 16.85
C GLU C 49 -8.93 -30.30 17.94
N ARG D 11 -22.53 42.68 -15.31
CA ARG D 11 -21.73 43.53 -14.38
C ARG D 11 -20.40 43.97 -15.00
N ASP D 12 -19.98 45.21 -14.71
CA ASP D 12 -18.61 45.65 -15.05
C ASP D 12 -17.58 44.75 -14.32
N LEU D 13 -16.59 44.24 -15.03
CA LEU D 13 -15.55 43.44 -14.37
C LEU D 13 -14.61 44.33 -13.48
N ILE D 14 -14.31 45.53 -13.92
CA ILE D 14 -13.49 46.45 -13.13
C ILE D 14 -14.13 46.73 -11.78
N LEU D 15 -15.43 46.95 -11.76
CA LEU D 15 -16.12 47.36 -10.55
C LEU D 15 -16.26 46.14 -9.64
N HIS D 16 -16.60 45.01 -10.23
CA HIS D 16 -16.68 43.77 -9.51
C HIS D 16 -15.35 43.39 -8.79
N GLN D 17 -14.21 43.67 -9.43
CA GLN D 17 -12.90 43.40 -8.88
C GLN D 17 -12.53 44.41 -7.80
N ARG D 18 -12.92 45.67 -7.98
CA ARG D 18 -12.74 46.67 -6.92
C ARG D 18 -13.50 46.26 -5.65
N GLU D 19 -14.61 45.57 -5.86
CA GLU D 19 -15.49 45.21 -4.81
C GLU D 19 -14.83 44.04 -4.05
N LEU D 20 -14.37 43.06 -4.82
CA LEU D 20 -13.58 41.95 -4.29
C LEU D 20 -12.38 42.40 -3.44
N LEU D 21 -11.60 43.38 -3.93
CA LEU D 21 -10.41 43.85 -3.23
C LEU D 21 -10.84 44.38 -1.90
N LYS D 22 -11.99 45.05 -1.93
CA LYS D 22 -12.52 45.78 -0.80
C LYS D 22 -13.00 44.85 0.28
N GLN D 23 -13.88 43.95 -0.09
CA GLN D 23 -14.34 42.84 0.73
C GLN D 23 -13.22 42.04 1.39
N TRP D 24 -12.09 41.90 0.68
CA TRP D 24 -10.92 41.24 1.24
C TRP D 24 -10.22 42.08 2.30
N THR D 25 -9.95 43.34 2.00
CA THR D 25 -9.36 44.25 3.00
C THR D 25 -10.24 44.35 4.29
N GLU D 26 -11.57 44.34 4.09
CA GLU D 26 -12.48 44.37 5.22
C GLU D 26 -12.41 43.09 6.06
N TYR D 27 -12.51 41.93 5.39
CA TYR D 27 -12.38 40.63 6.08
C TYR D 27 -11.12 40.61 6.93
N ARG D 28 -10.08 41.15 6.36
CA ARG D 28 -8.77 41.15 6.96
C ARG D 28 -8.70 42.12 8.16
N GLU D 29 -9.36 43.26 8.04
CA GLU D 29 -9.35 44.24 9.14
C GLU D 29 -10.09 43.64 10.33
N LYS D 30 -11.23 43.00 10.07
CA LYS D 30 -12.04 42.35 11.07
C LYS D 30 -11.22 41.31 11.86
N ILE D 31 -10.65 40.32 11.17
CA ILE D 31 -9.69 39.41 11.82
C ILE D 31 -8.52 40.15 12.47
N GLY D 32 -7.98 41.16 11.80
CA GLY D 32 -6.92 41.98 12.38
C GLY D 32 -7.34 42.51 13.76
N GLN D 33 -8.59 42.97 13.88
CA GLN D 33 -9.07 43.59 15.13
C GLN D 33 -9.14 42.54 16.21
N GLU D 34 -10.00 41.54 15.96
CA GLU D 34 -10.22 40.42 16.84
C GLU D 34 -8.95 39.85 17.45
N MET D 35 -7.89 39.72 16.65
CA MET D 35 -6.64 39.08 17.05
C MET D 35 -5.83 39.97 17.96
N GLU D 36 -5.96 41.27 17.77
CA GLU D 36 -5.25 42.23 18.60
C GLU D 36 -5.88 42.21 20.02
N LYS D 37 -7.22 42.17 20.05
CA LYS D 37 -8.02 42.06 21.27
C LYS D 37 -7.89 40.72 22.02
N SER D 38 -8.03 39.60 21.30
CA SER D 38 -8.12 38.27 21.92
C SER D 38 -6.78 37.74 22.43
N MET D 39 -5.69 38.03 21.72
CA MET D 39 -4.38 37.44 22.04
C MET D 39 -3.23 38.38 21.69
N ASN D 40 -3.56 39.64 21.39
CA ASN D 40 -2.53 40.64 21.27
C ASN D 40 -1.56 40.36 20.10
N PHE D 41 -2.09 39.93 18.96
CA PHE D 41 -1.28 39.51 17.81
C PHE D 41 -1.49 40.42 16.61
N LYS D 42 -0.39 40.81 15.95
CA LYS D 42 -0.52 41.57 14.73
C LYS D 42 -0.38 40.73 13.46
N ILE D 43 -1.48 40.66 12.70
CA ILE D 43 -1.53 39.98 11.41
C ILE D 43 -0.56 40.63 10.37
N PHE D 44 -0.09 39.82 9.40
CA PHE D 44 0.87 40.23 8.36
C PHE D 44 0.75 39.35 7.11
N ASP D 45 1.39 39.78 6.03
CA ASP D 45 1.32 39.08 4.77
C ASP D 45 2.70 38.59 4.36
N VAL D 46 3.73 39.05 5.06
CA VAL D 46 5.06 38.49 4.91
C VAL D 46 5.71 38.41 6.28
N GLN D 47 6.57 37.42 6.43
CA GLN D 47 7.31 37.15 7.68
C GLN D 47 8.22 38.34 8.00
N PRO D 48 7.96 39.04 9.13
CA PRO D 48 8.72 40.23 9.57
C PRO D 48 10.24 40.02 9.76
N GLU D 49 11.02 41.10 9.57
CA GLU D 49 12.40 41.18 10.11
C GLU D 49 12.36 41.80 11.52
#